data_7AQZ
#
_entry.id   7AQZ
#
_cell.length_a   92.542
_cell.length_b   95.950
_cell.length_c   124.337
_cell.angle_alpha   90.000
_cell.angle_beta   90.000
_cell.angle_gamma   90.000
#
_symmetry.space_group_name_H-M   'P 21 21 21'
#
loop_
_entity.id
_entity.type
_entity.pdbx_description
1 polymer 'Variant surface glycoprotein MITAT 1.2'
2 polymer 'Nanobody VSG2(NB14)'
3 branched alpha-D-mannopyranose-(1-3)-beta-D-mannopyranose-(1-4)-2-acetamido-2-deoxy-beta-D-glucopyranose-(1-4)-2-acetamido-2-deoxy-beta-D-glucopyranose
4 non-polymer 'CITRIC ACID'
5 non-polymer 'SODIUM ION'
6 water water
#
loop_
_entity_poly.entity_id
_entity_poly.type
_entity_poly.pdbx_seq_one_letter_code
_entity_poly.pdbx_strand_id
1 'polypeptide(L)'
;AAEKGFKQAFWQPLCQVSEELDDQPKGALFTLQAAASKIQKMRDAALRASIYAEINHGTNRAKAAVIVANHYAMKADSGL
EALKQTLSSQEVTATATASYLKGRIDEYLNLLLQTKESGTSGCMMDTSGTNTVTKAGGTIGGVPCKLQLSPIQPKRPAAT
YLGKAGYVGLTRQADAANNFHDNDAECRLASGHNTNGLGKSGQLSAAVTMAAGYVTVANSQTAVTVQALDALQEASGAAH
QPWIDAWKAKKALTGAETAEFRNETAGIAGKTGVTKLVEEALLKKKDSEASEIQTELKKYFSGHENEQWTAIEKLISEQP
VAQNLVGDNQPTKLGELEGNAKLTTILAYYRMETAGKFEVLTQK
;
A,B
2 'polypeptide(L)'
;QVQLQESGGGLVQAGGSLRLSCEASGLTFSNYAMAWFRQAPEKEREFVAGISWTGSRTYYADSVRGRFTTSRDGHKNTVY
LQMNDLKPEDTAVYLCAADLLGSGKDGTSVYEYWGQGTQVTVSSHHHHHH
;
C,D
#
loop_
_chem_comp.id
_chem_comp.type
_chem_comp.name
_chem_comp.formula
BMA D-saccharide, beta linking beta-D-mannopyranose 'C6 H12 O6'
CIT non-polymer 'CITRIC ACID' 'C6 H8 O7'
MAN D-saccharide, alpha linking alpha-D-mannopyranose 'C6 H12 O6'
NA non-polymer 'SODIUM ION' 'Na 1'
NAG D-saccharide, beta linking 2-acetamido-2-deoxy-beta-D-glucopyranose 'C8 H15 N O6'
#
# COMPACT_ATOMS: atom_id res chain seq x y z
N ALA A 1 -32.92 12.19 -32.55
CA ALA A 1 -32.48 12.34 -33.94
C ALA A 1 -30.97 12.43 -34.00
N ALA A 2 -30.39 11.96 -35.11
CA ALA A 2 -28.95 12.03 -35.31
C ALA A 2 -28.45 13.46 -35.11
N GLU A 3 -27.26 13.58 -34.55
CA GLU A 3 -26.51 14.83 -34.47
C GLU A 3 -27.07 15.80 -33.44
N LYS A 4 -27.82 15.31 -32.47
CA LYS A 4 -28.37 16.16 -31.43
C LYS A 4 -27.76 15.76 -30.08
N GLY A 5 -27.96 16.63 -29.10
CA GLY A 5 -27.41 16.41 -27.76
C GLY A 5 -27.91 15.14 -27.12
N PHE A 6 -27.20 14.71 -26.09
CA PHE A 6 -27.41 13.39 -25.50
C PHE A 6 -28.35 13.44 -24.31
N LYS A 7 -29.43 12.67 -24.40
CA LYS A 7 -30.36 12.55 -23.29
C LYS A 7 -29.76 11.70 -22.17
N GLN A 8 -30.40 11.79 -21.00
CA GLN A 8 -29.88 11.17 -19.78
C GLN A 8 -29.72 9.65 -19.90
N ALA A 9 -30.50 8.99 -20.75
CA ALA A 9 -30.33 7.55 -20.89
C ALA A 9 -28.94 7.21 -21.42
N PHE A 10 -28.30 8.12 -22.17
CA PHE A 10 -26.96 7.90 -22.65
C PHE A 10 -25.91 8.06 -21.53
N TRP A 11 -25.94 9.18 -20.82
CA TRP A 11 -24.82 9.52 -19.95
C TRP A 11 -25.01 9.07 -18.52
N GLN A 12 -26.24 8.85 -18.06
CA GLN A 12 -26.41 8.39 -16.69
C GLN A 12 -25.72 7.05 -16.42
N PRO A 13 -25.74 6.06 -17.33
CA PRO A 13 -25.00 4.82 -17.05
C PRO A 13 -23.50 5.05 -16.90
N LEU A 14 -22.97 6.07 -17.57
CA LEU A 14 -21.56 6.40 -17.43
C LEU A 14 -21.28 7.02 -16.07
N CYS A 15 -22.18 7.89 -15.60
CA CYS A 15 -22.07 8.41 -14.24
C CYS A 15 -22.09 7.28 -13.21
N GLN A 16 -22.99 6.31 -13.38
CA GLN A 16 -23.07 5.20 -12.42
C GLN A 16 -21.74 4.45 -12.34
N VAL A 17 -21.11 4.19 -13.48
CA VAL A 17 -19.81 3.53 -13.50
C VAL A 17 -18.76 4.43 -12.86
N SER A 18 -18.70 5.69 -13.25
CA SER A 18 -17.74 6.63 -12.68
C SER A 18 -17.79 6.67 -11.16
N GLU A 19 -19.00 6.74 -10.61
CA GLU A 19 -19.18 6.77 -9.16
C GLU A 19 -18.70 5.48 -8.51
N GLU A 20 -18.93 4.34 -9.15
CA GLU A 20 -18.49 3.10 -8.56
C GLU A 20 -16.97 2.93 -8.66
N LEU A 21 -16.36 3.35 -9.77
CA LEU A 21 -14.91 3.30 -9.88
C LEU A 21 -14.24 4.14 -8.81
N ASP A 22 -14.87 5.23 -8.38
CA ASP A 22 -14.35 6.08 -7.34
C ASP A 22 -14.10 5.31 -6.05
N ASP A 23 -14.82 4.20 -5.83
CA ASP A 23 -14.59 3.42 -4.62
C ASP A 23 -13.48 2.39 -4.74
N GLN A 24 -12.96 2.12 -5.93
CA GLN A 24 -11.96 1.08 -6.04
C GLN A 24 -10.72 1.40 -5.22
N PRO A 25 -10.21 2.63 -5.21
CA PRO A 25 -9.04 2.91 -4.36
C PRO A 25 -9.36 2.76 -2.88
N LYS A 26 -10.60 3.03 -2.47
CA LYS A 26 -11.01 2.85 -1.08
C LYS A 26 -10.94 1.39 -0.70
N GLY A 27 -11.29 0.51 -1.64
CA GLY A 27 -11.19 -0.93 -1.42
C GLY A 27 -9.77 -1.42 -1.35
N ALA A 28 -8.86 -0.79 -2.11
CA ALA A 28 -7.46 -1.15 -2.04
C ALA A 28 -6.88 -0.80 -0.69
N LEU A 29 -7.19 0.38 -0.19
CA LEU A 29 -6.69 0.75 1.12
C LEU A 29 -7.27 -0.17 2.18
N PHE A 30 -8.57 -0.49 2.08
CA PHE A 30 -9.19 -1.43 3.01
C PHE A 30 -8.46 -2.75 3.03
N THR A 31 -8.20 -3.33 1.86
CA THR A 31 -7.60 -4.65 1.81
C THR A 31 -6.15 -4.67 2.23
N LEU A 32 -5.36 -3.68 1.82
CA LEU A 32 -3.98 -3.65 2.27
C LEU A 32 -3.90 -3.49 3.77
N GLN A 33 -4.75 -2.65 4.37
CA GLN A 33 -4.75 -2.51 5.82
C GLN A 33 -5.24 -3.78 6.51
N ALA A 34 -6.25 -4.43 5.94
CA ALA A 34 -6.76 -5.66 6.52
C ALA A 34 -5.71 -6.75 6.51
N ALA A 35 -4.95 -6.85 5.42
CA ALA A 35 -3.89 -7.84 5.37
C ALA A 35 -2.87 -7.61 6.48
N ALA A 36 -2.44 -6.36 6.64
CA ALA A 36 -1.46 -6.07 7.68
C ALA A 36 -2.05 -6.34 9.07
N SER A 37 -3.30 -5.95 9.29
N SER A 37 -3.31 -5.99 9.28
CA SER A 37 -3.95 -6.20 10.58
CA SER A 37 -3.92 -6.19 10.59
C SER A 37 -3.98 -7.68 10.90
C SER A 37 -4.05 -7.67 10.92
N LYS A 38 -4.35 -8.51 9.93
CA LYS A 38 -4.43 -9.94 10.15
C LYS A 38 -3.06 -10.54 10.42
N ILE A 39 -2.02 -10.12 9.68
CA ILE A 39 -0.66 -10.53 9.97
C ILE A 39 -0.31 -10.19 11.42
N GLN A 40 -0.63 -8.96 11.83
CA GLN A 40 -0.36 -8.53 13.20
C GLN A 40 -1.06 -9.39 14.23
N LYS A 41 -2.30 -9.82 13.95
CA LYS A 41 -2.98 -10.71 14.90
C LYS A 41 -2.28 -12.06 14.97
N MET A 42 -1.85 -12.60 13.82
CA MET A 42 -1.09 -13.84 13.85
C MET A 42 0.19 -13.68 14.65
N ARG A 43 0.91 -12.59 14.43
CA ARG A 43 2.15 -12.36 15.14
C ARG A 43 1.93 -12.23 16.65
N ASP A 44 0.87 -11.54 17.07
CA ASP A 44 0.56 -11.44 18.51
C ASP A 44 0.36 -12.82 19.11
N ALA A 45 -0.39 -13.71 18.43
CA ALA A 45 -0.60 -15.04 18.95
C ALA A 45 0.72 -15.80 19.01
N ALA A 46 1.57 -15.65 18.01
CA ALA A 46 2.88 -16.28 18.05
C ALA A 46 3.67 -15.82 19.28
N LEU A 47 3.66 -14.51 19.52
CA LEU A 47 4.40 -13.95 20.64
C LEU A 47 3.84 -14.42 21.97
N ARG A 48 2.51 -14.42 22.13
CA ARG A 48 1.95 -14.89 23.38
C ARG A 48 2.37 -16.34 23.63
N ALA A 49 2.28 -17.17 22.60
CA ALA A 49 2.68 -18.57 22.75
C ALA A 49 4.16 -18.68 23.10
N SER A 50 5.00 -17.89 22.46
CA SER A 50 6.44 -17.92 22.73
C SER A 50 6.73 -17.53 24.16
N ILE A 51 6.04 -16.49 24.66
CA ILE A 51 6.20 -16.06 26.04
C ILE A 51 5.80 -17.17 27.01
N TYR A 52 4.66 -17.82 26.74
CA TYR A 52 4.25 -18.93 27.58
C TYR A 52 5.30 -20.03 27.63
N ALA A 53 5.87 -20.37 26.47
CA ALA A 53 6.91 -21.39 26.44
C ALA A 53 8.11 -20.99 27.29
N GLU A 54 8.57 -19.74 27.17
CA GLU A 54 9.74 -19.32 27.94
C GLU A 54 9.48 -19.38 29.43
N ILE A 55 8.26 -19.03 29.86
CA ILE A 55 7.91 -19.03 31.28
C ILE A 55 7.80 -20.44 31.83
N ASN A 56 7.24 -21.35 31.04
CA ASN A 56 6.83 -22.65 31.57
C ASN A 56 7.72 -23.80 31.13
N HIS A 57 8.94 -23.53 30.67
CA HIS A 57 9.90 -24.61 30.47
C HIS A 57 9.88 -25.57 31.65
N GLY A 58 9.87 -26.86 31.35
CA GLY A 58 9.73 -27.89 32.35
C GLY A 58 8.45 -28.67 32.22
N THR A 59 7.44 -28.14 31.53
CA THR A 59 6.19 -28.86 31.36
C THR A 59 5.98 -29.25 29.89
N ASN A 60 5.15 -30.27 29.72
CA ASN A 60 4.80 -30.67 28.36
C ASN A 60 4.03 -29.56 27.66
N ARG A 61 3.21 -28.77 28.37
CA ARG A 61 2.47 -27.71 27.69
C ARG A 61 3.40 -26.64 27.15
N ALA A 62 4.58 -26.46 27.74
CA ALA A 62 5.54 -25.50 27.19
C ALA A 62 5.94 -25.91 25.78
N LYS A 63 6.13 -27.22 25.54
CA LYS A 63 6.44 -27.68 24.19
C LYS A 63 5.24 -27.53 23.27
N ALA A 64 4.03 -27.79 23.76
CA ALA A 64 2.84 -27.47 22.98
C ALA A 64 2.85 -26.00 22.54
N ALA A 65 3.24 -25.11 23.46
CA ALA A 65 3.29 -23.69 23.14
C ALA A 65 4.33 -23.36 22.07
N VAL A 66 5.45 -24.09 22.03
CA VAL A 66 6.42 -23.91 20.95
C VAL A 66 5.77 -24.24 19.60
N ILE A 67 4.98 -25.30 19.57
CA ILE A 67 4.27 -25.68 18.34
C ILE A 67 3.25 -24.62 17.95
N VAL A 68 2.51 -24.10 18.92
CA VAL A 68 1.53 -23.04 18.65
C VAL A 68 2.24 -21.80 18.11
N ALA A 69 3.35 -21.40 18.77
CA ALA A 69 4.09 -20.23 18.34
C ALA A 69 4.59 -20.38 16.91
N ASN A 70 5.10 -21.56 16.59
CA ASN A 70 5.60 -21.79 15.24
C ASN A 70 4.48 -21.68 14.23
N HIS A 71 3.32 -22.26 14.53
CA HIS A 71 2.18 -22.17 13.64
C HIS A 71 1.85 -20.72 13.32
N TYR A 72 1.71 -19.89 14.36
CA TYR A 72 1.29 -18.51 14.11
C TYR A 72 2.39 -17.69 13.47
N ALA A 73 3.64 -17.95 13.82
CA ALA A 73 4.74 -17.23 13.17
C ALA A 73 4.78 -17.54 11.70
N MET A 74 4.57 -18.80 11.32
CA MET A 74 4.54 -19.17 9.92
C MET A 74 3.36 -18.51 9.21
N LYS A 75 2.21 -18.41 9.87
CA LYS A 75 1.09 -17.72 9.25
C LYS A 75 1.41 -16.25 9.05
N ALA A 76 2.02 -15.61 10.06
CA ALA A 76 2.40 -14.21 9.90
C ALA A 76 3.39 -14.03 8.77
N ASP A 77 4.42 -14.88 8.71
CA ASP A 77 5.44 -14.80 7.67
C ASP A 77 4.81 -14.95 6.30
N SER A 78 3.96 -15.95 6.14
CA SER A 78 3.39 -16.22 4.83
C SER A 78 2.42 -15.12 4.42
N GLY A 79 1.72 -14.53 5.39
CA GLY A 79 0.84 -13.43 5.10
C GLY A 79 1.61 -12.23 4.58
N LEU A 80 2.77 -11.95 5.17
CA LEU A 80 3.58 -10.82 4.69
C LEU A 80 4.10 -11.10 3.28
N GLU A 81 4.48 -12.34 3.02
CA GLU A 81 4.93 -12.70 1.68
C GLU A 81 3.80 -12.53 0.67
N ALA A 82 2.56 -12.92 1.06
CA ALA A 82 1.41 -12.79 0.17
C ALA A 82 1.06 -11.33 -0.07
N LEU A 83 1.15 -10.51 0.98
CA LEU A 83 0.94 -9.08 0.83
C LEU A 83 1.94 -8.50 -0.15
N LYS A 84 3.22 -8.89 -0.02
N LYS A 84 3.20 -8.90 -0.03
CA LYS A 84 4.27 -8.41 -0.90
CA LYS A 84 4.26 -8.41 -0.89
C LYS A 84 4.06 -8.85 -2.34
C LYS A 84 4.05 -8.86 -2.33
N GLN A 85 3.88 -10.16 -2.55
CA GLN A 85 3.96 -10.72 -3.89
C GLN A 85 2.65 -10.63 -4.65
N THR A 86 1.52 -10.66 -3.95
CA THR A 86 0.24 -10.91 -4.58
C THR A 86 -0.76 -9.79 -4.32
N LEU A 87 -1.02 -9.46 -3.05
CA LEU A 87 -2.05 -8.46 -2.76
C LEU A 87 -1.65 -7.07 -3.20
N SER A 88 -0.38 -6.71 -3.01
N SER A 88 -0.38 -6.71 -3.01
CA SER A 88 0.03 -5.37 -3.41
CA SER A 88 0.05 -5.37 -3.40
C SER A 88 -0.19 -5.14 -4.90
C SER A 88 -0.19 -5.12 -4.89
N SER A 89 0.22 -6.08 -5.74
CA SER A 89 0.01 -5.92 -7.16
C SER A 89 -1.48 -5.93 -7.51
N GLN A 90 -2.25 -6.83 -6.90
CA GLN A 90 -3.69 -6.85 -7.16
C GLN A 90 -4.29 -5.49 -6.88
N GLU A 91 -3.97 -4.91 -5.73
CA GLU A 91 -4.66 -3.71 -5.29
C GLU A 91 -4.14 -2.45 -5.97
N VAL A 92 -2.85 -2.38 -6.27
CA VAL A 92 -2.35 -1.27 -7.07
C VAL A 92 -2.97 -1.33 -8.46
N THR A 93 -3.05 -2.53 -9.04
CA THR A 93 -3.60 -2.67 -10.40
C THR A 93 -5.08 -2.29 -10.44
N ALA A 94 -5.87 -2.74 -9.46
CA ALA A 94 -7.26 -2.33 -9.42
C ALA A 94 -7.41 -0.83 -9.22
N THR A 95 -6.61 -0.24 -8.31
CA THR A 95 -6.67 1.20 -8.08
C THR A 95 -6.37 1.95 -9.37
N ALA A 96 -5.29 1.54 -10.06
CA ALA A 96 -4.83 2.30 -11.22
C ALA A 96 -5.79 2.14 -12.39
N THR A 97 -6.20 0.91 -12.71
CA THR A 97 -7.10 0.70 -13.83
C THR A 97 -8.45 1.38 -13.61
N ALA A 98 -9.01 1.29 -12.40
CA ALA A 98 -10.29 1.92 -12.14
C ALA A 98 -10.18 3.44 -12.20
N SER A 99 -9.09 3.99 -11.63
CA SER A 99 -8.95 5.43 -11.59
C SER A 99 -8.68 6.00 -12.97
N TYR A 100 -7.89 5.27 -13.76
CA TYR A 100 -7.61 5.70 -15.13
C TYR A 100 -8.87 5.71 -15.96
N LEU A 101 -9.63 4.61 -15.95
CA LEU A 101 -10.87 4.57 -16.69
C LEU A 101 -11.81 5.67 -16.20
N LYS A 102 -11.91 5.87 -14.88
CA LYS A 102 -12.73 6.94 -14.35
C LYS A 102 -12.32 8.30 -14.90
N GLY A 103 -11.03 8.55 -15.03
CA GLY A 103 -10.58 9.80 -15.62
C GLY A 103 -10.99 9.94 -17.08
N ARG A 104 -10.89 8.85 -17.85
CA ARG A 104 -11.34 8.88 -19.24
C ARG A 104 -12.83 9.21 -19.31
N ILE A 105 -13.64 8.55 -18.49
CA ILE A 105 -15.07 8.78 -18.49
C ILE A 105 -15.36 10.22 -18.08
N ASP A 106 -14.74 10.67 -16.99
CA ASP A 106 -15.09 11.94 -16.40
C ASP A 106 -14.69 13.09 -17.31
N GLU A 107 -13.57 12.97 -18.04
CA GLU A 107 -13.21 14.03 -18.96
C GLU A 107 -14.23 14.15 -20.09
N TYR A 108 -14.71 13.01 -20.58
CA TYR A 108 -15.76 13.03 -21.59
C TYR A 108 -17.05 13.62 -21.04
N LEU A 109 -17.52 13.16 -19.88
CA LEU A 109 -18.74 13.69 -19.29
C LEU A 109 -18.62 15.17 -19.01
N ASN A 110 -17.45 15.63 -18.57
N ASN A 110 -17.46 15.61 -18.53
CA ASN A 110 -17.31 17.03 -18.22
CA ASN A 110 -17.24 17.02 -18.23
C ASN A 110 -17.28 17.89 -19.48
C ASN A 110 -17.33 17.86 -19.49
N LEU A 111 -16.83 17.33 -20.60
CA LEU A 111 -16.91 18.05 -21.88
C LEU A 111 -18.36 18.19 -22.32
N LEU A 112 -19.15 17.11 -22.24
CA LEU A 112 -20.57 17.20 -22.57
C LEU A 112 -21.26 18.24 -21.70
N LEU A 113 -20.98 18.21 -20.40
CA LEU A 113 -21.64 19.08 -19.44
C LEU A 113 -21.45 20.55 -19.79
N GLN A 114 -20.26 20.91 -20.26
CA GLN A 114 -19.94 22.31 -20.52
C GLN A 114 -20.32 22.76 -21.93
N THR A 115 -20.53 21.81 -22.84
CA THR A 115 -20.75 22.16 -24.24
C THR A 115 -22.24 22.34 -24.49
N LYS A 116 -22.70 23.54 -24.11
CA LYS A 116 -24.10 23.90 -24.20
C LYS A 116 -24.21 25.35 -24.63
N GLU A 117 -25.36 25.68 -25.22
CA GLU A 117 -25.66 27.03 -25.68
CA GLU A 117 -25.66 27.03 -25.67
C GLU A 117 -26.72 27.73 -24.84
N SER A 118 -27.55 26.99 -24.13
CA SER A 118 -28.63 27.60 -23.37
C SER A 118 -29.14 26.56 -22.38
N GLY A 119 -30.17 26.95 -21.62
CA GLY A 119 -30.85 26.05 -20.70
C GLY A 119 -31.65 24.94 -21.37
N THR A 120 -31.82 25.01 -22.67
CA THR A 120 -32.61 23.99 -23.36
C THR A 120 -31.89 23.37 -24.54
N SER A 121 -30.64 23.73 -24.82
CA SER A 121 -29.91 23.26 -26.00
C SER A 121 -28.45 23.07 -25.64
N GLY A 122 -28.02 21.81 -25.63
CA GLY A 122 -26.62 21.50 -25.39
C GLY A 122 -26.38 20.01 -25.53
N CYS A 123 -25.16 19.60 -25.22
CA CYS A 123 -24.75 18.23 -25.41
C CYS A 123 -25.20 17.29 -24.30
N MET A 124 -25.57 17.80 -23.13
CA MET A 124 -25.93 16.96 -22.00
C MET A 124 -27.32 17.37 -21.54
N MET A 125 -28.30 16.55 -21.91
CA MET A 125 -29.71 16.82 -21.69
C MET A 125 -30.28 15.90 -20.63
N ASP A 126 -31.41 16.32 -20.06
CA ASP A 126 -32.17 15.53 -19.10
C ASP A 126 -32.84 14.34 -19.78
N THR A 127 -33.67 13.64 -19.01
CA THR A 127 -34.26 12.39 -19.51
C THR A 127 -35.19 12.64 -20.69
N SER A 128 -35.98 13.70 -20.60
CA SER A 128 -36.98 14.03 -21.62
C SER A 128 -36.44 14.83 -22.79
N GLY A 129 -35.20 15.31 -22.73
CA GLY A 129 -34.73 16.24 -23.73
C GLY A 129 -35.29 17.63 -23.60
N THR A 130 -35.61 18.07 -22.39
CA THR A 130 -36.17 19.41 -22.18
C THR A 130 -35.10 20.43 -21.80
N ASN A 131 -34.36 20.15 -20.73
CA ASN A 131 -33.35 21.07 -20.20
C ASN A 131 -31.97 20.47 -20.34
N THR A 132 -30.97 21.33 -20.58
CA THR A 132 -29.60 20.95 -20.32
C THR A 132 -29.43 20.79 -18.82
N VAL A 133 -28.54 19.90 -18.44
CA VAL A 133 -28.30 19.61 -17.03
C VAL A 133 -27.14 20.44 -16.48
N THR A 134 -27.13 20.63 -15.17
CA THR A 134 -26.04 21.32 -14.50
C THR A 134 -25.54 20.52 -13.32
N LYS A 135 -24.30 20.80 -12.96
N LYS A 135 -24.31 20.81 -12.94
CA LYS A 135 -23.67 20.20 -11.80
CA LYS A 135 -23.68 20.16 -11.81
C LYS A 135 -24.29 20.83 -10.55
C LYS A 135 -24.18 20.81 -10.52
N ALA A 136 -24.66 19.98 -9.59
CA ALA A 136 -25.32 20.43 -8.38
C ALA A 136 -24.87 19.50 -7.28
N GLY A 137 -24.05 20.04 -6.39
CA GLY A 137 -23.32 19.23 -5.44
C GLY A 137 -22.56 18.17 -6.18
N GLY A 138 -22.75 16.96 -5.72
CA GLY A 138 -22.10 15.81 -6.27
C GLY A 138 -22.96 15.13 -7.30
N THR A 139 -23.91 15.85 -7.92
CA THR A 139 -24.75 15.26 -8.96
C THR A 139 -24.69 16.11 -10.23
N ILE A 140 -25.14 15.50 -11.32
CA ILE A 140 -25.45 16.21 -12.56
C ILE A 140 -26.92 15.97 -12.83
N GLY A 141 -27.71 17.04 -12.80
CA GLY A 141 -29.14 16.85 -12.97
C GLY A 141 -29.76 15.90 -11.97
N GLY A 142 -29.18 15.82 -10.75
CA GLY A 142 -29.67 14.91 -9.73
C GLY A 142 -29.05 13.53 -9.76
N VAL A 143 -28.41 13.13 -10.86
CA VAL A 143 -27.74 11.84 -10.96
C VAL A 143 -26.42 11.94 -10.19
N PRO A 144 -26.15 11.08 -9.19
CA PRO A 144 -24.83 11.09 -8.54
C PRO A 144 -23.75 10.99 -9.61
N CYS A 145 -22.92 12.04 -9.77
CA CYS A 145 -21.88 12.13 -10.80
C CYS A 145 -20.97 13.27 -10.36
N LYS A 146 -19.99 12.99 -9.49
CA LYS A 146 -19.15 14.05 -8.97
C LYS A 146 -18.13 14.55 -9.99
N LEU A 147 -17.74 13.71 -10.93
CA LEU A 147 -16.66 13.99 -11.88
C LEU A 147 -15.37 14.37 -11.18
N GLN A 148 -15.11 13.73 -10.05
CA GLN A 148 -13.92 13.95 -9.25
C GLN A 148 -13.55 12.62 -8.64
N LEU A 149 -12.26 12.45 -8.33
CA LEU A 149 -11.80 11.37 -7.49
C LEU A 149 -11.92 11.85 -6.05
N SER A 150 -12.72 11.14 -5.25
N SER A 150 -12.74 11.16 -5.25
CA SER A 150 -12.97 11.58 -3.90
CA SER A 150 -12.99 11.64 -3.90
C SER A 150 -11.82 11.25 -2.98
C SER A 150 -11.90 11.20 -2.95
N PRO A 151 -11.73 11.92 -1.83
CA PRO A 151 -10.73 11.53 -0.84
C PRO A 151 -10.86 10.05 -0.49
N ILE A 152 -9.72 9.42 -0.28
CA ILE A 152 -9.66 7.97 -0.10
C ILE A 152 -9.65 7.65 1.39
N GLN A 153 -10.67 6.95 1.82
CA GLN A 153 -10.71 6.31 3.13
C GLN A 153 -11.09 4.86 2.88
N PRO A 154 -10.79 3.96 3.80
CA PRO A 154 -11.05 2.53 3.54
C PRO A 154 -12.55 2.23 3.48
N LYS A 155 -12.95 1.49 2.45
CA LYS A 155 -14.35 1.11 2.25
C LYS A 155 -14.36 -0.06 1.27
N ARG A 156 -15.23 -1.01 1.45
CA ARG A 156 -15.41 -2.05 0.44
C ARG A 156 -16.23 -1.51 -0.74
N PRO A 157 -15.76 -1.65 -1.97
CA PRO A 157 -16.48 -1.08 -3.11
C PRO A 157 -17.74 -1.86 -3.43
N ALA A 158 -18.74 -1.16 -3.94
CA ALA A 158 -19.88 -1.81 -4.54
C ALA A 158 -19.48 -2.50 -5.84
N ALA A 159 -20.27 -3.52 -6.25
CA ALA A 159 -20.09 -4.19 -7.54
C ALA A 159 -21.39 -4.21 -8.33
N THR A 160 -22.19 -3.16 -8.18
CA THR A 160 -23.48 -3.06 -8.85
C THR A 160 -23.33 -2.78 -10.33
N TYR A 161 -22.49 -1.79 -10.67
CA TYR A 161 -22.33 -1.36 -12.06
C TYR A 161 -21.11 -1.94 -12.75
N LEU A 162 -20.14 -2.44 -11.99
CA LEU A 162 -19.03 -3.19 -12.55
C LEU A 162 -18.91 -4.43 -11.69
N GLY A 163 -19.32 -5.55 -12.26
CA GLY A 163 -19.32 -6.81 -11.57
C GLY A 163 -18.56 -7.91 -12.29
N LYS A 164 -18.82 -9.16 -11.90
CA LYS A 164 -18.08 -10.29 -12.46
C LYS A 164 -18.23 -10.38 -13.97
N ALA A 165 -19.41 -10.05 -14.51
CA ALA A 165 -19.61 -10.26 -15.94
C ALA A 165 -19.21 -9.07 -16.78
N GLY A 166 -19.18 -7.90 -16.19
CA GLY A 166 -18.93 -6.68 -16.97
C GLY A 166 -19.67 -5.49 -16.37
N TYR A 167 -20.02 -4.56 -17.24
CA TYR A 167 -20.67 -3.29 -16.87
C TYR A 167 -22.16 -3.47 -17.17
N VAL A 168 -22.97 -3.74 -16.12
N VAL A 168 -22.97 -3.77 -16.14
CA VAL A 168 -24.35 -4.23 -16.29
CA VAL A 168 -24.33 -4.25 -16.36
C VAL A 168 -25.23 -3.24 -17.02
C VAL A 168 -25.16 -3.23 -17.14
N GLY A 169 -24.95 -1.95 -16.88
CA GLY A 169 -25.75 -0.90 -17.48
C GLY A 169 -25.36 -0.51 -18.90
N LEU A 170 -24.23 -1.04 -19.38
CA LEU A 170 -23.72 -0.68 -20.70
C LEU A 170 -24.07 -1.79 -21.70
N THR A 171 -25.37 -1.88 -21.96
CA THR A 171 -25.93 -2.91 -22.82
C THR A 171 -26.00 -2.43 -24.26
N ARG A 172 -26.20 -3.39 -25.15
CA ARG A 172 -26.41 -3.06 -26.55
C ARG A 172 -27.59 -2.10 -26.69
N GLN A 173 -27.44 -1.11 -27.54
CA GLN A 173 -28.47 -0.09 -27.73
C GLN A 173 -29.20 -0.33 -29.05
N ALA A 174 -30.52 -0.51 -28.97
CA ALA A 174 -31.35 -0.85 -30.12
C ALA A 174 -31.71 0.37 -30.98
N ASP A 175 -31.62 1.58 -30.45
CA ASP A 175 -32.02 2.76 -31.23
C ASP A 175 -31.39 4.01 -30.63
N ALA A 176 -30.09 4.18 -30.88
CA ALA A 176 -29.41 5.36 -30.34
C ALA A 176 -30.05 6.65 -30.80
N ALA A 177 -30.51 6.69 -32.06
CA ALA A 177 -31.04 7.94 -32.61
C ALA A 177 -32.20 8.47 -31.79
N ASN A 178 -33.06 7.57 -31.29
CA ASN A 178 -34.19 8.00 -30.48
C ASN A 178 -33.95 7.92 -28.99
N ASN A 179 -33.10 7.01 -28.54
CA ASN A 179 -32.96 6.80 -27.10
C ASN A 179 -31.80 7.55 -26.49
N PHE A 180 -30.76 7.81 -27.26
CA PHE A 180 -29.61 8.55 -26.76
C PHE A 180 -29.62 10.00 -27.19
N HIS A 181 -30.11 10.31 -28.39
CA HIS A 181 -30.08 11.65 -28.93
C HIS A 181 -31.43 12.32 -28.77
N ASP A 182 -31.41 13.61 -28.46
CA ASP A 182 -32.61 14.43 -28.41
C ASP A 182 -33.14 14.70 -29.80
N ASN A 183 -34.33 15.34 -29.85
CA ASN A 183 -34.87 15.78 -31.12
C ASN A 183 -34.31 17.12 -31.58
N ASP A 184 -33.98 18.03 -30.65
CA ASP A 184 -33.70 19.42 -30.99
C ASP A 184 -32.35 19.95 -30.49
N ALA A 185 -31.88 19.44 -29.36
CA ALA A 185 -30.71 20.01 -28.70
C ALA A 185 -29.53 19.96 -29.64
N GLU A 186 -28.83 21.08 -29.78
CA GLU A 186 -27.66 21.16 -30.64
C GLU A 186 -26.39 20.73 -29.90
N CYS A 187 -25.52 19.98 -30.59
CA CYS A 187 -24.33 19.41 -29.97
C CYS A 187 -23.35 19.03 -31.07
N ARG A 188 -22.29 19.81 -31.23
CA ARG A 188 -21.30 19.46 -32.26
C ARG A 188 -20.47 18.24 -31.89
N LEU A 189 -20.57 17.73 -30.67
CA LEU A 189 -19.88 16.52 -30.26
C LEU A 189 -20.64 15.24 -30.62
N ALA A 190 -21.80 15.36 -31.25
CA ALA A 190 -22.61 14.19 -31.57
C ALA A 190 -22.27 13.54 -32.91
N SER A 191 -21.47 14.20 -33.76
CA SER A 191 -21.06 13.62 -35.03
C SER A 191 -19.79 14.32 -35.47
N GLY A 192 -19.13 13.74 -36.46
CA GLY A 192 -17.95 14.31 -37.07
C GLY A 192 -18.22 14.99 -38.40
N HIS A 193 -19.47 15.11 -38.80
CA HIS A 193 -19.80 15.81 -40.03
C HIS A 193 -19.79 17.31 -39.78
N ASN A 194 -19.56 18.09 -40.83
CA ASN A 194 -19.31 19.52 -40.66
C ASN A 194 -20.56 20.37 -40.42
N THR A 195 -21.74 19.96 -40.89
CA THR A 195 -22.90 20.84 -40.78
C THR A 195 -23.32 21.00 -39.33
N ASN A 196 -23.42 19.89 -38.62
CA ASN A 196 -23.93 19.87 -37.26
C ASN A 196 -22.93 19.33 -36.26
N GLY A 197 -21.76 18.86 -36.72
CA GLY A 197 -20.81 18.16 -35.88
C GLY A 197 -19.44 18.82 -35.80
N LEU A 198 -18.42 18.02 -35.57
CA LEU A 198 -17.09 18.53 -35.24
C LEU A 198 -16.30 19.02 -36.45
N GLY A 199 -16.64 18.58 -37.65
CA GLY A 199 -15.90 19.03 -38.81
C GLY A 199 -16.10 20.52 -39.06
N LYS A 200 -15.06 21.16 -39.61
CA LYS A 200 -15.11 22.58 -39.92
C LYS A 200 -15.38 22.77 -41.41
N SER A 201 -14.40 22.55 -42.28
CA SER A 201 -14.62 22.71 -43.72
C SER A 201 -15.15 21.46 -44.38
N GLY A 202 -15.08 20.33 -43.71
CA GLY A 202 -15.57 19.07 -44.22
C GLY A 202 -15.65 18.10 -43.08
N GLN A 203 -16.07 16.89 -43.37
CA GLN A 203 -16.21 15.90 -42.32
C GLN A 203 -14.84 15.52 -41.77
N LEU A 204 -14.80 15.11 -40.50
CA LEU A 204 -13.59 14.50 -40.00
C LEU A 204 -13.22 13.29 -40.85
N SER A 205 -11.94 12.95 -40.89
N SER A 205 -11.92 12.96 -40.85
CA SER A 205 -11.54 11.90 -41.82
CA SER A 205 -11.39 11.90 -41.72
C SER A 205 -11.82 10.49 -41.33
C SER A 205 -11.95 10.53 -41.36
N ALA A 206 -12.28 10.31 -40.09
CA ALA A 206 -12.69 9.00 -39.63
C ALA A 206 -13.67 9.18 -38.47
N ALA A 207 -14.30 8.07 -38.08
CA ALA A 207 -15.06 8.06 -36.84
C ALA A 207 -14.14 8.37 -35.68
N VAL A 208 -14.70 9.01 -34.64
CA VAL A 208 -13.97 9.35 -33.43
C VAL A 208 -14.56 8.56 -32.26
N THR A 209 -13.72 7.91 -31.48
CA THR A 209 -14.21 7.23 -30.30
C THR A 209 -13.92 8.08 -29.06
N MET A 210 -14.85 8.04 -28.10
N MET A 210 -14.88 8.10 -28.12
CA MET A 210 -14.72 8.81 -26.88
CA MET A 210 -14.74 8.83 -26.87
C MET A 210 -15.06 7.94 -25.68
C MET A 210 -14.97 7.89 -25.70
N ALA A 211 -14.60 8.39 -24.52
CA ALA A 211 -14.75 7.67 -23.26
C ALA A 211 -14.05 6.31 -23.32
N ALA A 212 -12.76 6.38 -23.65
CA ALA A 212 -11.96 5.16 -23.75
C ALA A 212 -12.60 4.13 -24.66
N GLY A 213 -13.13 4.58 -25.78
CA GLY A 213 -13.62 3.67 -26.79
C GLY A 213 -15.05 3.23 -26.63
N TYR A 214 -15.78 3.79 -25.65
CA TYR A 214 -17.16 3.39 -25.42
C TYR A 214 -18.08 3.82 -26.55
N VAL A 215 -18.02 5.09 -26.94
CA VAL A 215 -18.94 5.66 -27.90
C VAL A 215 -18.18 5.96 -29.18
N THR A 216 -18.79 5.63 -30.33
CA THR A 216 -18.21 5.91 -31.64
C THR A 216 -19.06 6.96 -32.34
N VAL A 217 -18.42 8.07 -32.64
CA VAL A 217 -19.04 9.24 -33.26
C VAL A 217 -18.69 9.18 -34.73
N ALA A 218 -19.69 8.89 -35.55
CA ALA A 218 -19.49 8.73 -36.99
C ALA A 218 -19.16 10.06 -37.64
N ASN A 219 -18.46 9.98 -38.77
CA ASN A 219 -18.15 11.19 -39.54
C ASN A 219 -19.22 11.56 -40.56
N SER A 220 -20.37 10.91 -40.49
CA SER A 220 -21.52 11.18 -41.37
C SER A 220 -22.69 11.63 -40.50
N GLN A 221 -23.80 11.98 -41.14
CA GLN A 221 -24.97 12.51 -40.43
C GLN A 221 -25.78 11.32 -39.94
N THR A 222 -25.32 10.73 -38.84
CA THR A 222 -25.95 9.54 -38.26
C THR A 222 -25.67 9.55 -36.77
N ALA A 223 -26.51 8.81 -36.03
CA ALA A 223 -26.42 8.66 -34.60
C ALA A 223 -25.13 7.94 -34.17
N VAL A 224 -24.78 8.12 -32.89
CA VAL A 224 -23.62 7.38 -32.36
C VAL A 224 -23.94 5.90 -32.27
N THR A 225 -22.89 5.09 -32.10
CA THR A 225 -23.02 3.72 -31.66
C THR A 225 -22.19 3.52 -30.41
N VAL A 226 -22.57 2.52 -29.62
CA VAL A 226 -21.88 2.23 -28.38
C VAL A 226 -21.51 0.76 -28.28
N GLN A 227 -20.45 0.49 -27.53
CA GLN A 227 -20.08 -0.88 -27.20
C GLN A 227 -21.03 -1.47 -26.18
N ALA A 228 -21.32 -2.75 -26.35
CA ALA A 228 -21.96 -3.55 -25.31
C ALA A 228 -20.86 -4.08 -24.42
N LEU A 229 -20.88 -3.68 -23.15
CA LEU A 229 -19.80 -4.02 -22.23
C LEU A 229 -20.29 -4.86 -21.05
N ASP A 230 -21.47 -5.46 -21.18
CA ASP A 230 -22.10 -6.19 -20.09
C ASP A 230 -21.72 -7.66 -20.05
N ALA A 231 -20.99 -8.17 -21.02
CA ALA A 231 -20.64 -9.60 -21.08
C ALA A 231 -19.22 -9.73 -21.63
N LEU A 232 -18.25 -9.24 -20.86
CA LEU A 232 -16.90 -9.10 -21.37
C LEU A 232 -16.12 -10.42 -21.37
N GLN A 233 -15.09 -10.43 -22.19
CA GLN A 233 -14.14 -11.52 -22.25
C GLN A 233 -12.75 -10.91 -22.25
N GLU A 234 -11.79 -11.67 -21.70
CA GLU A 234 -10.42 -11.16 -21.63
C GLU A 234 -9.93 -10.76 -23.01
N ALA A 239 -10.11 -1.56 -28.95
CA ALA A 239 -10.22 -0.11 -28.95
C ALA A 239 -10.87 0.42 -27.67
N HIS A 240 -11.39 -0.44 -26.80
CA HIS A 240 -11.94 -0.05 -25.51
C HIS A 240 -11.24 -0.80 -24.37
N GLN A 241 -9.96 -1.03 -24.57
CA GLN A 241 -9.19 -1.81 -23.60
C GLN A 241 -9.27 -1.31 -22.16
N PRO A 242 -9.33 -0.01 -21.86
CA PRO A 242 -9.40 0.40 -20.45
C PRO A 242 -10.59 -0.18 -19.71
N TRP A 243 -11.70 -0.38 -20.40
CA TRP A 243 -12.87 -0.99 -19.80
C TRP A 243 -12.60 -2.42 -19.41
N ILE A 244 -11.93 -3.17 -20.29
CA ILE A 244 -11.56 -4.56 -20.00
C ILE A 244 -10.56 -4.60 -18.85
N ASP A 245 -9.58 -3.70 -18.85
CA ASP A 245 -8.54 -3.75 -17.83
C ASP A 245 -9.11 -3.52 -16.44
N ALA A 246 -10.04 -2.57 -16.28
CA ALA A 246 -10.62 -2.31 -14.97
C ALA A 246 -11.47 -3.48 -14.52
N TRP A 247 -12.23 -4.07 -15.44
CA TRP A 247 -13.08 -5.21 -15.14
C TRP A 247 -12.25 -6.41 -14.68
N LYS A 248 -11.18 -6.73 -15.42
CA LYS A 248 -10.38 -7.88 -15.03
C LYS A 248 -9.65 -7.61 -13.72
N ALA A 249 -9.18 -6.39 -13.47
CA ALA A 249 -8.44 -6.14 -12.24
C ALA A 249 -9.36 -6.24 -11.03
N LYS A 250 -10.60 -5.76 -11.16
CA LYS A 250 -11.53 -5.81 -10.04
C LYS A 250 -11.94 -7.26 -9.74
N LYS A 251 -12.20 -8.04 -10.78
CA LYS A 251 -12.65 -9.41 -10.52
C LYS A 251 -11.53 -10.30 -10.03
N ALA A 252 -10.27 -9.89 -10.22
CA ALA A 252 -9.14 -10.67 -9.76
C ALA A 252 -8.90 -10.55 -8.26
N LEU A 253 -9.51 -9.59 -7.59
CA LEU A 253 -9.16 -9.33 -6.19
C LEU A 253 -9.69 -10.45 -5.30
N THR A 254 -8.80 -10.99 -4.48
CA THR A 254 -9.24 -11.92 -3.44
C THR A 254 -9.59 -11.24 -2.12
N GLY A 255 -9.07 -10.04 -1.90
CA GLY A 255 -9.05 -9.49 -0.54
C GLY A 255 -8.04 -10.24 0.32
N ALA A 256 -7.96 -9.82 1.59
CA ALA A 256 -7.04 -10.42 2.56
C ALA A 256 -7.72 -11.66 3.16
N GLU A 257 -8.01 -12.63 2.27
CA GLU A 257 -8.93 -13.72 2.60
C GLU A 257 -8.40 -15.07 2.17
N THR A 258 -7.17 -15.13 1.68
CA THR A 258 -6.53 -16.39 1.36
C THR A 258 -6.05 -17.04 2.65
N ALA A 259 -5.60 -18.29 2.53
CA ALA A 259 -5.35 -19.14 3.69
C ALA A 259 -4.36 -18.52 4.68
N GLU A 260 -3.38 -17.75 4.20
CA GLU A 260 -2.40 -17.14 5.09
C GLU A 260 -3.04 -16.27 6.16
N PHE A 261 -4.20 -15.67 5.84
CA PHE A 261 -4.81 -14.64 6.66
C PHE A 261 -5.92 -15.17 7.55
N ARG A 262 -6.25 -16.45 7.48
CA ARG A 262 -7.38 -17.02 8.18
C ARG A 262 -6.92 -18.12 9.10
N ASN A 263 -7.58 -18.21 10.24
CA ASN A 263 -7.26 -19.28 11.16
C ASN A 263 -7.88 -20.60 10.70
N GLU A 264 -7.33 -21.69 11.22
CA GLU A 264 -7.66 -23.05 10.83
C GLU A 264 -8.44 -23.74 11.95
N THR A 265 -9.49 -24.49 11.57
CA THR A 265 -10.39 -25.04 12.57
C THR A 265 -10.45 -26.56 12.57
N ALA A 266 -9.51 -27.22 11.91
CA ALA A 266 -9.57 -28.66 11.79
C ALA A 266 -8.70 -29.30 12.87
N GLY A 267 -8.06 -30.39 12.54
CA GLY A 267 -7.27 -31.09 13.52
C GLY A 267 -5.95 -30.42 13.76
N ILE A 268 -5.26 -30.90 14.80
CA ILE A 268 -3.95 -30.34 15.12
C ILE A 268 -2.91 -30.81 14.13
N ALA A 269 -2.90 -32.09 13.78
CA ALA A 269 -1.83 -32.61 12.93
C ALA A 269 -1.81 -31.93 11.56
N GLY A 270 -2.97 -31.53 11.05
CA GLY A 270 -3.03 -30.90 9.75
C GLY A 270 -2.90 -29.40 9.79
N LYS A 271 -2.71 -28.80 10.95
CA LYS A 271 -2.52 -27.36 11.03
C LYS A 271 -1.16 -26.96 10.48
N THR A 272 -1.12 -25.80 9.83
CA THR A 272 0.10 -25.34 9.19
C THR A 272 1.31 -25.44 10.12
N GLY A 273 2.33 -26.15 9.64
CA GLY A 273 3.60 -26.28 10.30
C GLY A 273 3.69 -27.41 11.32
N VAL A 274 2.57 -27.93 11.80
CA VAL A 274 2.60 -28.80 12.98
C VAL A 274 3.30 -30.12 12.69
N THR A 275 2.81 -30.87 11.68
CA THR A 275 3.36 -32.21 11.45
C THR A 275 4.85 -32.14 11.14
N LYS A 276 5.27 -31.15 10.35
CA LYS A 276 6.68 -31.04 10.02
C LYS A 276 7.52 -30.73 11.26
N LEU A 277 7.02 -29.87 12.14
CA LEU A 277 7.77 -29.59 13.36
C LEU A 277 7.86 -30.82 14.26
N VAL A 278 6.76 -31.56 14.40
CA VAL A 278 6.81 -32.79 15.20
C VAL A 278 7.85 -33.75 14.61
N GLU A 279 7.83 -33.94 13.29
CA GLU A 279 8.79 -34.85 12.66
C GLU A 279 10.22 -34.37 12.88
N GLU A 280 10.46 -33.07 12.69
CA GLU A 280 11.83 -32.60 12.63
C GLU A 280 12.42 -32.39 14.02
N ALA A 281 11.64 -31.92 14.97
CA ALA A 281 12.15 -31.54 16.28
C ALA A 281 11.85 -32.53 17.39
N LEU A 282 10.83 -33.36 17.24
CA LEU A 282 10.45 -34.28 18.31
C LEU A 282 10.77 -35.72 17.95
N LEU A 283 10.24 -36.21 16.82
CA LEU A 283 10.57 -37.57 16.40
C LEU A 283 11.97 -37.64 15.83
N LYS A 284 12.45 -36.53 15.26
CA LYS A 284 13.76 -36.42 14.62
C LYS A 284 13.96 -37.44 13.50
N LYS A 285 12.94 -37.57 12.66
CA LYS A 285 12.94 -38.46 11.51
C LYS A 285 12.39 -37.70 10.31
N LYS A 286 12.82 -38.08 9.10
CA LYS A 286 12.38 -37.38 7.88
C LYS A 286 10.99 -37.80 7.44
N ASP A 287 10.61 -39.03 7.76
CA ASP A 287 9.28 -39.52 7.44
C ASP A 287 8.68 -40.12 8.70
N SER A 288 7.35 -40.13 8.76
CA SER A 288 6.67 -40.62 9.94
C SER A 288 5.30 -41.13 9.52
N GLU A 289 4.72 -41.96 10.38
CA GLU A 289 3.35 -42.36 10.13
C GLU A 289 2.43 -41.45 10.96
N ALA A 290 1.20 -41.32 10.46
CA ALA A 290 0.26 -40.39 11.12
C ALA A 290 0.05 -40.77 12.58
N SER A 291 0.06 -42.06 12.88
CA SER A 291 -0.03 -42.65 14.21
C SER A 291 0.98 -42.03 15.16
N GLU A 292 2.21 -41.97 14.64
CA GLU A 292 3.33 -41.48 15.44
C GLU A 292 3.16 -40.00 15.74
N ILE A 293 2.65 -39.23 14.78
CA ILE A 293 2.41 -37.80 15.00
C ILE A 293 1.36 -37.64 16.11
N GLN A 294 0.29 -38.42 16.03
CA GLN A 294 -0.80 -38.38 16.99
C GLN A 294 -0.30 -38.67 18.40
N THR A 295 0.52 -39.72 18.52
CA THR A 295 1.09 -40.05 19.82
C THR A 295 1.89 -38.90 20.40
N GLU A 296 2.71 -38.23 19.58
CA GLU A 296 3.44 -37.08 20.10
C GLU A 296 2.48 -35.98 20.51
N LEU A 297 1.52 -35.67 19.65
CA LEU A 297 0.61 -34.60 19.98
C LEU A 297 -0.13 -34.87 21.27
N LYS A 298 -0.46 -36.15 21.54
CA LYS A 298 -1.20 -36.40 22.77
C LYS A 298 -0.31 -36.13 23.98
N LYS A 299 1.00 -36.32 23.88
CA LYS A 299 1.88 -36.02 25.00
C LYS A 299 1.82 -34.55 25.36
N TYR A 300 1.75 -33.69 24.34
CA TYR A 300 1.90 -32.26 24.57
C TYR A 300 0.55 -31.52 24.65
N PHE A 301 -0.45 -31.97 23.89
CA PHE A 301 -1.76 -31.34 23.84
C PHE A 301 -2.85 -32.13 24.53
N SER A 302 -2.59 -33.39 24.92
CA SER A 302 -3.58 -34.27 25.52
C SER A 302 -4.64 -34.71 24.52
N GLY A 303 -4.32 -34.57 23.25
CA GLY A 303 -5.25 -34.93 22.19
C GLY A 303 -4.76 -34.32 20.90
N HIS A 304 -5.56 -34.49 19.86
CA HIS A 304 -5.16 -34.03 18.54
C HIS A 304 -6.26 -33.26 17.83
N GLU A 305 -7.29 -32.83 18.54
CA GLU A 305 -8.43 -32.17 17.93
C GLU A 305 -8.41 -30.68 18.23
N ASN A 306 -9.31 -29.95 17.58
CA ASN A 306 -9.32 -28.51 17.75
C ASN A 306 -9.56 -28.12 19.21
N GLU A 307 -10.31 -28.93 19.95
CA GLU A 307 -10.61 -28.62 21.34
C GLU A 307 -9.35 -28.57 22.17
N GLN A 308 -8.39 -29.46 21.89
CA GLN A 308 -7.15 -29.44 22.67
C GLN A 308 -6.26 -28.28 22.28
N TRP A 309 -6.28 -27.86 21.01
CA TRP A 309 -5.57 -26.64 20.61
C TRP A 309 -6.16 -25.43 21.32
N THR A 310 -7.49 -25.32 21.32
CA THR A 310 -8.15 -24.25 22.06
C THR A 310 -7.77 -24.26 23.53
N ALA A 311 -7.67 -25.45 24.14
CA ALA A 311 -7.35 -25.51 25.56
C ALA A 311 -5.95 -25.01 25.84
N ILE A 312 -4.99 -25.35 24.98
CA ILE A 312 -3.63 -24.79 25.14
C ILE A 312 -3.62 -23.29 24.91
N GLU A 313 -4.38 -22.81 23.91
CA GLU A 313 -4.47 -21.37 23.69
C GLU A 313 -5.08 -20.64 24.89
N LYS A 314 -5.98 -21.30 25.64
CA LYS A 314 -6.52 -20.69 26.84
C LYS A 314 -5.47 -20.60 27.95
N LEU A 315 -4.64 -21.65 28.11
CA LEU A 315 -3.55 -21.57 29.08
C LEU A 315 -2.64 -20.41 28.72
N ILE A 316 -2.33 -20.27 27.43
CA ILE A 316 -1.48 -19.18 26.98
C ILE A 316 -2.12 -17.84 27.31
N SER A 317 -3.40 -17.69 26.95
CA SER A 317 -4.06 -16.40 27.13
C SER A 317 -4.23 -16.03 28.59
N GLU A 318 -4.32 -17.02 29.49
CA GLU A 318 -4.50 -16.77 30.91
C GLU A 318 -3.19 -16.50 31.66
N GLN A 319 -2.04 -16.82 31.06
CA GLN A 319 -0.76 -16.68 31.75
C GLN A 319 -0.45 -15.20 32.03
N PRO A 320 -0.21 -14.81 33.28
CA PRO A 320 0.16 -13.42 33.55
C PRO A 320 1.63 -13.17 33.32
N VAL A 321 1.92 -11.94 32.93
CA VAL A 321 3.27 -11.43 32.86
C VAL A 321 3.55 -10.60 34.11
N ALA A 322 4.82 -10.34 34.37
CA ALA A 322 5.20 -9.55 35.54
C ALA A 322 4.57 -8.15 35.46
N GLN A 323 4.07 -7.65 36.60
CA GLN A 323 3.33 -6.39 36.58
C GLN A 323 4.20 -5.24 36.10
N ASN A 324 5.50 -5.26 36.39
N ASN A 324 5.51 -5.28 36.40
CA ASN A 324 6.37 -4.18 35.96
CA ASN A 324 6.43 -4.23 35.99
C ASN A 324 6.50 -4.10 34.45
C ASN A 324 6.55 -4.13 34.46
N LEU A 325 6.12 -5.15 33.72
CA LEU A 325 6.20 -5.14 32.27
C LEU A 325 5.02 -4.47 31.59
N VAL A 326 3.96 -4.15 32.35
CA VAL A 326 2.75 -3.55 31.78
C VAL A 326 2.37 -2.25 32.46
N GLY A 327 2.87 -1.93 33.65
CA GLY A 327 2.47 -0.71 34.31
C GLY A 327 1.41 -0.93 35.37
N ASP A 328 1.34 0.03 36.31
CA ASP A 328 0.52 -0.13 37.50
C ASP A 328 -0.95 -0.24 37.12
N ASN A 329 -1.62 -1.20 37.77
CA ASN A 329 -3.05 -1.40 37.62
C ASN A 329 -3.45 -1.84 36.22
N GLN A 330 -2.47 -2.20 35.36
CA GLN A 330 -2.82 -2.59 34.00
C GLN A 330 -2.96 -4.10 33.89
N PRO A 331 -3.70 -4.58 32.89
CA PRO A 331 -3.87 -6.03 32.74
C PRO A 331 -2.54 -6.76 32.58
N THR A 332 -2.47 -7.97 33.15
CA THR A 332 -1.27 -8.79 33.06
C THR A 332 -1.42 -10.08 32.28
N LYS A 333 -2.63 -10.55 32.03
CA LYS A 333 -2.77 -11.80 31.29
C LYS A 333 -2.39 -11.57 29.83
N LEU A 334 -1.69 -12.54 29.25
CA LEU A 334 -1.23 -12.39 27.88
C LEU A 334 -2.38 -12.13 26.92
N GLY A 335 -3.53 -12.78 27.15
CA GLY A 335 -4.69 -12.58 26.31
C GLY A 335 -5.32 -11.21 26.45
N GLU A 336 -4.91 -10.43 27.46
CA GLU A 336 -5.38 -9.08 27.61
C GLU A 336 -4.41 -8.07 27.03
N LEU A 337 -3.30 -8.53 26.45
CA LEU A 337 -2.32 -7.67 25.81
C LEU A 337 -2.39 -7.84 24.30
N GLU A 338 -2.16 -6.76 23.59
CA GLU A 338 -2.07 -6.81 22.14
C GLU A 338 -1.07 -5.79 21.66
N GLY A 339 -0.59 -5.99 20.44
CA GLY A 339 0.36 -5.08 19.83
C GLY A 339 1.68 -5.80 19.67
N ASN A 340 2.21 -5.83 18.46
CA ASN A 340 3.41 -6.65 18.23
C ASN A 340 4.59 -6.12 19.01
N ALA A 341 4.89 -4.83 18.89
CA ALA A 341 6.06 -4.30 19.56
C ALA A 341 5.94 -4.44 21.06
N LYS A 342 4.72 -4.30 21.59
CA LYS A 342 4.51 -4.50 23.04
C LYS A 342 4.89 -5.91 23.46
N LEU A 343 4.36 -6.92 22.75
CA LEU A 343 4.64 -8.30 23.13
C LEU A 343 6.08 -8.70 22.85
N THR A 344 6.71 -8.14 21.81
CA THR A 344 8.09 -8.45 21.49
C THR A 344 9.00 -8.16 22.66
N THR A 345 8.82 -7.01 23.34
CA THR A 345 9.74 -6.69 24.43
C THR A 345 9.48 -7.54 25.67
N ILE A 346 8.25 -8.01 25.83
CA ILE A 346 7.94 -8.96 26.91
C ILE A 346 8.64 -10.29 26.64
N LEU A 347 8.63 -10.74 25.39
CA LEU A 347 9.36 -11.94 25.06
C LEU A 347 10.84 -11.78 25.36
N ALA A 348 11.42 -10.61 25.04
CA ALA A 348 12.84 -10.41 25.33
C ALA A 348 13.12 -10.52 26.81
N TYR A 349 12.24 -9.97 27.65
CA TYR A 349 12.40 -10.10 29.10
C TYR A 349 12.52 -11.57 29.49
N TYR A 350 11.55 -12.40 29.04
CA TYR A 350 11.53 -13.79 29.45
C TYR A 350 12.67 -14.58 28.83
N ARG A 351 13.15 -14.18 27.65
CA ARG A 351 14.37 -14.79 27.12
C ARG A 351 15.58 -14.47 28.00
N MET A 352 15.65 -13.25 28.52
CA MET A 352 16.72 -12.92 29.44
C MET A 352 16.62 -13.74 30.70
N GLU A 353 15.40 -13.96 31.21
CA GLU A 353 15.24 -14.83 32.38
C GLU A 353 15.71 -16.24 32.07
N THR A 354 15.36 -16.76 30.90
CA THR A 354 15.83 -18.10 30.50
C THR A 354 17.35 -18.16 30.47
N ALA A 355 17.99 -17.13 29.92
CA ALA A 355 19.45 -17.12 29.87
C ALA A 355 20.04 -17.18 31.27
N GLY A 356 19.41 -16.52 32.23
CA GLY A 356 19.91 -16.54 33.60
C GLY A 356 19.78 -17.90 34.26
N LYS A 357 18.78 -18.68 33.85
CA LYS A 357 18.64 -20.05 34.36
C LYS A 357 19.73 -20.94 33.80
N PHE A 358 19.94 -20.86 32.49
CA PHE A 358 20.95 -21.65 31.86
C PHE A 358 22.36 -21.24 32.32
N GLU A 359 22.58 -19.98 32.62
CA GLU A 359 23.88 -19.58 33.14
C GLU A 359 24.25 -20.34 34.39
N VAL A 360 23.29 -20.65 35.24
CA VAL A 360 23.57 -21.47 36.43
C VAL A 360 23.52 -22.96 36.13
N LEU A 361 22.53 -23.41 35.35
CA LEU A 361 22.39 -24.84 35.08
C LEU A 361 23.62 -25.39 34.38
N THR A 362 24.19 -24.66 33.42
CA THR A 362 25.33 -25.05 32.60
C THR A 362 26.64 -24.91 33.34
N ALA B 1 -2.83 31.63 -34.74
CA ALA B 1 -4.04 32.42 -34.72
C ALA B 1 -5.09 31.74 -33.85
N ALA B 2 -5.92 32.55 -33.19
CA ALA B 2 -7.02 32.01 -32.41
C ALA B 2 -7.85 31.05 -33.24
N GLU B 3 -8.37 30.04 -32.57
CA GLU B 3 -9.38 29.11 -33.10
C GLU B 3 -8.78 28.07 -34.02
N LYS B 4 -7.46 27.91 -34.05
CA LYS B 4 -6.81 26.94 -34.92
C LYS B 4 -6.24 25.78 -34.09
N GLY B 5 -5.94 24.68 -34.79
CA GLY B 5 -5.41 23.49 -34.16
C GLY B 5 -4.07 23.74 -33.47
N PHE B 6 -3.68 22.79 -32.63
CA PHE B 6 -2.62 22.96 -31.65
C PHE B 6 -1.32 22.33 -32.10
N LYS B 7 -0.27 23.15 -32.18
CA LYS B 7 1.06 22.69 -32.48
C LYS B 7 1.67 21.94 -31.29
N GLN B 8 2.78 21.24 -31.59
CA GLN B 8 3.38 20.31 -30.64
C GLN B 8 3.81 20.99 -29.32
N ALA B 9 4.15 22.27 -29.34
CA ALA B 9 4.52 22.93 -28.08
C ALA B 9 3.39 22.88 -27.05
N PHE B 10 2.15 22.79 -27.52
CA PHE B 10 1.01 22.70 -26.61
C PHE B 10 0.86 21.30 -26.03
N TRP B 11 0.83 20.27 -26.90
CA TRP B 11 0.45 18.94 -26.44
C TRP B 11 1.63 18.06 -26.00
N GLN B 12 2.84 18.32 -26.51
CA GLN B 12 3.96 17.49 -26.08
C GLN B 12 4.17 17.55 -24.56
N PRO B 13 4.10 18.69 -23.89
CA PRO B 13 4.25 18.68 -22.43
C PRO B 13 3.18 17.86 -21.72
N LEU B 14 1.98 17.77 -22.30
CA LEU B 14 0.91 16.95 -21.74
C LEU B 14 1.23 15.47 -21.92
N CYS B 15 1.73 15.08 -23.09
CA CYS B 15 2.24 13.72 -23.28
C CYS B 15 3.31 13.35 -22.25
N GLN B 16 4.26 14.25 -22.01
CA GLN B 16 5.33 13.96 -21.05
C GLN B 16 4.76 13.70 -19.67
N VAL B 17 3.80 14.53 -19.24
CA VAL B 17 3.17 14.31 -17.94
C VAL B 17 2.42 12.98 -17.94
N SER B 18 1.63 12.72 -18.99
CA SER B 18 0.89 11.47 -19.08
C SER B 18 1.80 10.25 -18.96
N GLU B 19 2.92 10.25 -19.68
CA GLU B 19 3.86 9.12 -19.63
C GLU B 19 4.51 8.98 -18.24
N GLU B 20 4.73 10.08 -17.53
CA GLU B 20 5.28 10.01 -16.19
C GLU B 20 4.24 9.52 -15.18
N LEU B 21 2.99 9.98 -15.31
CA LEU B 21 1.93 9.47 -14.44
C LEU B 21 1.76 7.98 -14.59
N ASP B 22 2.00 7.45 -15.80
CA ASP B 22 1.89 6.03 -16.07
C ASP B 22 2.82 5.23 -15.18
N ASP B 23 3.91 5.84 -14.70
CA ASP B 23 4.83 5.14 -13.81
C ASP B 23 4.47 5.22 -12.34
N GLN B 24 3.49 6.04 -11.97
N GLN B 24 3.51 6.03 -11.95
CA GLN B 24 3.13 6.15 -10.57
CA GLN B 24 3.18 6.09 -10.54
C GLN B 24 2.61 4.83 -9.99
C GLN B 24 2.67 4.77 -10.02
N PRO B 25 1.79 4.05 -10.68
CA PRO B 25 1.40 2.74 -10.13
C PRO B 25 2.59 1.82 -10.01
N LYS B 26 3.50 1.87 -10.98
CA LYS B 26 4.73 1.04 -10.92
C LYS B 26 5.59 1.38 -9.72
N GLY B 27 5.69 2.68 -9.41
CA GLY B 27 6.45 3.08 -8.24
C GLY B 27 5.76 2.75 -6.94
N ALA B 28 4.42 2.77 -6.92
CA ALA B 28 3.68 2.36 -5.73
C ALA B 28 3.90 0.88 -5.46
N LEU B 29 3.87 0.07 -6.50
CA LEU B 29 4.12 -1.35 -6.31
C LEU B 29 5.55 -1.59 -5.84
N PHE B 30 6.50 -0.89 -6.46
CA PHE B 30 7.90 -0.99 -6.02
C PHE B 30 8.04 -0.65 -4.55
N THR B 31 7.41 0.44 -4.10
CA THR B 31 7.57 0.89 -2.72
C THR B 31 6.87 -0.04 -1.75
N LEU B 32 5.67 -0.53 -2.08
CA LEU B 32 5.01 -1.46 -1.17
C LEU B 32 5.81 -2.74 -1.04
N GLN B 33 6.37 -3.23 -2.15
CA GLN B 33 7.19 -4.43 -2.09
C GLN B 33 8.49 -4.17 -1.33
N ALA B 34 9.09 -3.00 -1.52
CA ALA B 34 10.33 -2.67 -0.83
C ALA B 34 10.11 -2.61 0.67
N ALA B 35 8.98 -2.04 1.10
CA ALA B 35 8.66 -1.98 2.52
C ALA B 35 8.54 -3.36 3.10
N ALA B 36 7.81 -4.24 2.42
CA ALA B 36 7.68 -5.62 2.89
C ALA B 36 9.04 -6.31 2.92
N SER B 37 9.85 -6.12 1.87
N SER B 37 9.86 -6.10 1.88
CA SER B 37 11.18 -6.74 1.81
CA SER B 37 11.17 -6.74 1.80
C SER B 37 12.06 -6.28 2.97
C SER B 37 12.11 -6.26 2.90
N LYS B 38 12.02 -4.98 3.28
CA LYS B 38 12.82 -4.47 4.39
C LYS B 38 12.32 -4.98 5.73
N ILE B 39 11.01 -5.07 5.93
CA ILE B 39 10.49 -5.70 7.14
C ILE B 39 11.02 -7.13 7.21
N GLN B 40 10.99 -7.85 6.10
CA GLN B 40 11.44 -9.24 6.06
C GLN B 40 12.92 -9.35 6.40
N LYS B 41 13.73 -8.38 5.96
CA LYS B 41 15.16 -8.39 6.32
C LYS B 41 15.34 -8.14 7.80
N MET B 42 14.59 -7.21 8.38
CA MET B 42 14.61 -7.01 9.82
C MET B 42 14.21 -8.29 10.55
N ARG B 43 13.14 -8.94 10.09
CA ARG B 43 12.69 -10.16 10.74
C ARG B 43 13.73 -11.26 10.61
N ASP B 44 14.37 -11.40 9.45
CA ASP B 44 15.43 -12.41 9.31
C ASP B 44 16.54 -12.18 10.32
N ALA B 45 16.98 -10.93 10.50
CA ALA B 45 18.04 -10.66 11.46
C ALA B 45 17.57 -10.95 12.88
N ALA B 46 16.32 -10.64 13.20
CA ALA B 46 15.78 -10.98 14.51
C ALA B 46 15.83 -12.49 14.71
N LEU B 47 15.42 -13.25 13.69
CA LEU B 47 15.37 -14.70 13.82
C LEU B 47 16.78 -15.28 13.90
N ARG B 48 17.74 -14.77 13.13
CA ARG B 48 19.09 -15.30 13.28
C ARG B 48 19.61 -15.06 14.70
N ALA B 49 19.42 -13.85 15.23
CA ALA B 49 19.85 -13.55 16.58
C ALA B 49 19.14 -14.45 17.58
N SER B 50 17.84 -14.66 17.41
CA SER B 50 17.08 -15.54 18.30
C SER B 50 17.62 -16.94 18.29
N ILE B 51 17.91 -17.47 17.09
CA ILE B 51 18.45 -18.83 16.98
C ILE B 51 19.82 -18.92 17.66
N TYR B 52 20.66 -17.92 17.45
CA TYR B 52 21.95 -17.90 18.14
C TYR B 52 21.78 -17.94 19.65
N ALA B 53 20.86 -17.16 20.19
CA ALA B 53 20.61 -17.14 21.63
C ALA B 53 20.11 -18.48 22.15
N GLU B 54 19.30 -19.21 21.36
CA GLU B 54 18.89 -20.54 21.79
C GLU B 54 20.06 -21.52 21.78
N ILE B 55 20.88 -21.48 20.74
CA ILE B 55 22.00 -22.42 20.66
C ILE B 55 23.01 -22.16 21.77
N ASN B 56 23.28 -20.90 22.06
CA ASN B 56 24.35 -20.50 22.97
C ASN B 56 23.82 -20.13 24.34
N HIS B 57 22.68 -20.71 24.71
CA HIS B 57 21.99 -20.32 25.92
C HIS B 57 22.92 -20.31 27.13
N GLY B 58 22.68 -19.34 27.98
CA GLY B 58 23.35 -19.24 29.25
C GLY B 58 24.69 -18.53 29.21
N THR B 59 24.99 -17.81 28.12
CA THR B 59 26.25 -17.09 27.94
C THR B 59 26.00 -15.60 27.76
N ASN B 60 27.02 -14.80 28.02
CA ASN B 60 26.91 -13.37 27.81
C ASN B 60 26.67 -13.04 26.34
N ARG B 61 27.29 -13.79 25.42
CA ARG B 61 27.01 -13.59 24.00
CA ARG B 61 27.02 -13.57 24.01
C ARG B 61 25.56 -13.84 23.68
N ALA B 62 24.96 -14.86 24.31
CA ALA B 62 23.54 -15.11 24.07
C ALA B 62 22.70 -13.96 24.56
N LYS B 63 23.04 -13.37 25.70
CA LYS B 63 22.28 -12.21 26.19
C LYS B 63 22.41 -11.03 25.26
N ALA B 64 23.61 -10.81 24.70
CA ALA B 64 23.76 -9.80 23.66
C ALA B 64 22.84 -10.10 22.49
N ALA B 65 22.79 -11.37 22.07
CA ALA B 65 21.94 -11.74 20.96
C ALA B 65 20.44 -11.56 21.27
N VAL B 66 20.01 -11.73 22.53
CA VAL B 66 18.61 -11.42 22.90
C VAL B 66 18.33 -9.95 22.65
N ILE B 67 19.28 -9.08 23.01
CA ILE B 67 19.16 -7.64 22.77
C ILE B 67 19.11 -7.34 21.27
N VAL B 68 19.98 -7.99 20.48
CA VAL B 68 19.97 -7.81 19.03
C VAL B 68 18.64 -8.28 18.44
N ALA B 69 18.17 -9.46 18.86
CA ALA B 69 16.91 -9.98 18.35
C ALA B 69 15.76 -9.04 18.66
N ASN B 70 15.74 -8.48 19.89
CA ASN B 70 14.67 -7.58 20.28
C ASN B 70 14.69 -6.33 19.41
N HIS B 71 15.87 -5.79 19.16
CA HIS B 71 16.00 -4.62 18.31
C HIS B 71 15.37 -4.88 16.96
N TYR B 72 15.78 -5.96 16.30
CA TYR B 72 15.31 -6.20 14.94
C TYR B 72 13.83 -6.59 14.89
N ALA B 73 13.35 -7.31 15.90
CA ALA B 73 11.93 -7.65 15.93
C ALA B 73 11.09 -6.38 16.09
N MET B 74 11.52 -5.44 16.95
CA MET B 74 10.81 -4.18 17.09
C MET B 74 10.84 -3.39 15.79
N LYS B 75 11.96 -3.42 15.07
CA LYS B 75 11.98 -2.74 13.78
C LYS B 75 11.02 -3.41 12.79
N ALA B 76 11.02 -4.73 12.72
CA ALA B 76 10.07 -5.41 11.84
C ALA B 76 8.64 -5.07 12.22
N ASP B 77 8.33 -5.10 13.53
CA ASP B 77 6.98 -4.78 13.99
C ASP B 77 6.57 -3.36 13.61
N SER B 78 7.45 -2.40 13.86
CA SER B 78 7.12 -1.01 13.58
C SER B 78 7.02 -0.74 12.08
N GLY B 79 7.81 -1.44 11.28
CA GLY B 79 7.70 -1.32 9.84
C GLY B 79 6.37 -1.81 9.32
N LEU B 80 5.86 -2.93 9.86
CA LEU B 80 4.55 -3.40 9.45
C LEU B 80 3.47 -2.42 9.86
N GLU B 81 3.57 -1.84 11.05
CA GLU B 81 2.62 -0.82 11.46
C GLU B 81 2.65 0.39 10.55
N ALA B 82 3.85 0.80 10.10
CA ALA B 82 3.98 1.93 9.19
C ALA B 82 3.43 1.59 7.80
N LEU B 83 3.69 0.39 7.34
CA LEU B 83 3.10 -0.07 6.08
C LEU B 83 1.59 0.01 6.15
N LYS B 84 1.00 -0.44 7.27
CA LYS B 84 -0.44 -0.43 7.43
C LYS B 84 -1.00 1.00 7.51
N GLN B 85 -0.45 1.82 8.39
CA GLN B 85 -1.05 3.08 8.73
C GLN B 85 -0.67 4.23 7.81
N THR B 86 0.48 4.17 7.17
CA THR B 86 1.03 5.34 6.49
C THR B 86 1.34 5.04 5.04
N LEU B 87 2.15 4.02 4.77
CA LEU B 87 2.60 3.80 3.39
C LEU B 87 1.47 3.34 2.49
N SER B 88 0.59 2.47 2.98
CA SER B 88 -0.49 1.98 2.13
C SER B 88 -1.34 3.12 1.62
N SER B 89 -1.77 4.01 2.51
N SER B 89 -1.74 4.04 2.51
CA SER B 89 -2.56 5.15 2.06
CA SER B 89 -2.56 5.17 2.09
C SER B 89 -1.76 6.08 1.16
C SER B 89 -1.78 6.11 1.19
N GLN B 90 -0.50 6.35 1.49
CA GLN B 90 0.30 7.21 0.61
C GLN B 90 0.33 6.65 -0.81
N GLU B 91 0.57 5.35 -0.94
CA GLU B 91 0.79 4.76 -2.25
C GLU B 91 -0.52 4.55 -2.99
N VAL B 92 -1.59 4.18 -2.30
CA VAL B 92 -2.90 4.10 -2.96
C VAL B 92 -3.32 5.48 -3.45
N THR B 93 -3.13 6.51 -2.62
CA THR B 93 -3.54 7.85 -3.01
C THR B 93 -2.71 8.35 -4.18
N ALA B 94 -1.39 8.14 -4.18
CA ALA B 94 -0.58 8.55 -5.32
C ALA B 94 -1.01 7.80 -6.58
N THR B 95 -1.22 6.49 -6.48
CA THR B 95 -1.63 5.69 -7.63
C THR B 95 -2.96 6.21 -8.18
N ALA B 96 -3.92 6.45 -7.31
CA ALA B 96 -5.25 6.85 -7.75
C ALA B 96 -5.24 8.25 -8.36
N THR B 97 -4.63 9.22 -7.67
CA THR B 97 -4.63 10.58 -8.18
C THR B 97 -3.86 10.67 -9.49
N ALA B 98 -2.71 9.99 -9.59
CA ALA B 98 -1.94 10.02 -10.83
C ALA B 98 -2.70 9.36 -11.97
N SER B 99 -3.32 8.21 -11.71
CA SER B 99 -4.00 7.48 -12.75
C SER B 99 -5.27 8.21 -13.21
N TYR B 100 -5.96 8.84 -12.28
CA TYR B 100 -7.15 9.62 -12.59
C TYR B 100 -6.80 10.83 -13.47
N LEU B 101 -5.78 11.60 -13.04
CA LEU B 101 -5.32 12.72 -13.85
C LEU B 101 -4.86 12.26 -15.22
N LYS B 102 -4.12 11.15 -15.28
CA LYS B 102 -3.68 10.59 -16.55
C LYS B 102 -4.87 10.28 -17.46
N GLY B 103 -5.93 9.73 -16.90
CA GLY B 103 -7.12 9.50 -17.68
C GLY B 103 -7.75 10.78 -18.21
N ARG B 104 -7.80 11.81 -17.37
CA ARG B 104 -8.32 13.09 -17.84
C ARG B 104 -7.49 13.63 -19.01
N ILE B 105 -6.17 13.61 -18.83
CA ILE B 105 -5.29 14.11 -19.89
C ILE B 105 -5.44 13.27 -21.15
N ASP B 106 -5.40 11.95 -21.00
CA ASP B 106 -5.35 11.08 -22.17
C ASP B 106 -6.64 11.18 -22.98
N GLU B 107 -7.79 11.31 -22.29
CA GLU B 107 -9.04 11.46 -23.03
C GLU B 107 -9.02 12.71 -23.88
N TYR B 108 -8.50 13.81 -23.32
CA TYR B 108 -8.39 15.06 -24.08
C TYR B 108 -7.43 14.90 -25.26
N LEU B 109 -6.24 14.37 -24.99
CA LEU B 109 -5.26 14.23 -26.07
C LEU B 109 -5.78 13.30 -27.16
N ASN B 110 -6.43 12.21 -26.76
CA ASN B 110 -6.97 11.28 -27.76
C ASN B 110 -8.08 11.91 -28.58
N LEU B 111 -8.82 12.84 -27.99
CA LEU B 111 -9.82 13.59 -28.73
C LEU B 111 -9.15 14.50 -29.77
N LEU B 112 -8.12 15.26 -29.36
CA LEU B 112 -7.40 16.09 -30.31
C LEU B 112 -6.84 15.25 -31.45
N LEU B 113 -6.23 14.11 -31.11
CA LEU B 113 -5.58 13.25 -32.09
C LEU B 113 -6.53 12.82 -33.19
N GLN B 114 -7.77 12.51 -32.84
CA GLN B 114 -8.75 12.01 -33.79
C GLN B 114 -9.52 13.11 -34.50
N THR B 115 -9.50 14.33 -33.97
CA THR B 115 -10.35 15.39 -34.53
C THR B 115 -9.54 16.11 -35.60
N LYS B 116 -9.54 15.51 -36.79
CA LYS B 116 -8.81 16.03 -37.94
C LYS B 116 -9.62 15.80 -39.19
N GLU B 117 -9.34 16.64 -40.18
CA GLU B 117 -9.98 16.55 -41.49
C GLU B 117 -9.06 16.04 -42.59
N SER B 118 -7.75 16.17 -42.43
CA SER B 118 -6.79 15.81 -43.47
C SER B 118 -5.42 15.70 -42.85
N GLY B 119 -4.43 15.38 -43.68
CA GLY B 119 -3.05 15.35 -43.25
C GLY B 119 -2.46 16.71 -42.93
N THR B 120 -3.17 17.79 -43.23
CA THR B 120 -2.65 19.13 -42.96
C THR B 120 -3.59 19.99 -42.11
N SER B 121 -4.75 19.48 -41.69
CA SER B 121 -5.68 20.30 -40.95
C SER B 121 -6.38 19.44 -39.91
N GLY B 122 -6.18 19.80 -38.66
CA GLY B 122 -6.78 19.10 -37.54
C GLY B 122 -6.35 19.73 -36.24
N CYS B 123 -6.81 19.13 -35.15
CA CYS B 123 -6.58 19.67 -33.84
C CYS B 123 -5.20 19.40 -33.27
N MET B 124 -4.48 18.40 -33.76
CA MET B 124 -3.20 18.01 -33.16
C MET B 124 -2.17 18.07 -34.28
N MET B 125 -1.37 19.13 -34.25
CA MET B 125 -0.41 19.45 -35.29
C MET B 125 1.03 19.23 -34.82
N ASP B 126 1.91 19.06 -35.78
CA ASP B 126 3.33 18.89 -35.53
C ASP B 126 3.95 20.21 -35.06
N THR B 127 5.29 20.21 -34.92
CA THR B 127 5.98 21.34 -34.33
C THR B 127 5.77 22.62 -35.11
N SER B 128 5.76 22.53 -36.44
CA SER B 128 5.71 23.62 -37.40
C SER B 128 4.28 24.03 -37.73
N GLY B 129 3.31 23.19 -37.39
CA GLY B 129 1.98 23.42 -37.91
C GLY B 129 1.81 23.05 -39.36
N THR B 130 2.57 22.08 -39.86
CA THR B 130 2.49 21.66 -41.26
C THR B 130 1.52 20.49 -41.43
N ASN B 131 1.73 19.42 -40.66
CA ASN B 131 0.95 18.20 -40.76
C ASN B 131 0.24 17.90 -39.44
N THR B 132 -0.93 17.30 -39.56
CA THR B 132 -1.50 16.61 -38.41
C THR B 132 -0.64 15.40 -38.07
N VAL B 133 -0.66 15.02 -36.80
CA VAL B 133 0.16 13.91 -36.32
C VAL B 133 -0.65 12.62 -36.28
N THR B 134 0.07 11.50 -36.26
CA THR B 134 -0.53 10.20 -36.14
C THR B 134 0.15 9.40 -35.04
N LYS B 135 -0.59 8.46 -34.50
CA LYS B 135 -0.10 7.60 -33.43
C LYS B 135 0.41 6.32 -34.06
N ALA B 136 1.59 5.89 -33.65
CA ALA B 136 2.15 4.62 -34.08
C ALA B 136 3.07 4.10 -32.99
N GLY B 137 2.90 2.84 -32.60
CA GLY B 137 3.82 2.23 -31.65
C GLY B 137 4.09 3.00 -30.37
N GLY B 138 3.05 3.50 -29.73
CA GLY B 138 3.21 4.21 -28.48
C GLY B 138 3.73 5.62 -28.58
N THR B 139 3.87 6.17 -29.79
CA THR B 139 4.36 7.53 -29.99
C THR B 139 3.37 8.29 -30.86
N ILE B 140 3.34 9.60 -30.69
CA ILE B 140 2.55 10.49 -31.54
C ILE B 140 3.52 11.49 -32.12
N GLY B 141 3.72 11.43 -33.43
CA GLY B 141 4.71 12.32 -34.02
C GLY B 141 6.09 12.18 -33.41
N GLY B 142 6.47 10.96 -32.99
CA GLY B 142 7.75 10.71 -32.35
C GLY B 142 7.76 10.89 -30.86
N VAL B 143 6.76 11.58 -30.31
CA VAL B 143 6.72 11.89 -28.88
C VAL B 143 6.18 10.65 -28.17
N PRO B 144 6.85 10.13 -27.14
CA PRO B 144 6.23 9.05 -26.35
C PRO B 144 4.89 9.54 -25.81
N CYS B 145 3.78 8.89 -26.21
CA CYS B 145 2.43 9.30 -25.82
C CYS B 145 1.43 8.16 -26.05
N LYS B 146 1.48 7.12 -25.21
CA LYS B 146 0.74 5.89 -25.47
CA LYS B 146 0.74 5.89 -25.47
C LYS B 146 -0.76 6.08 -25.36
N LEU B 147 -1.19 7.03 -24.54
CA LEU B 147 -2.60 7.28 -24.28
C LEU B 147 -3.31 6.04 -23.77
N GLN B 148 -2.59 5.27 -22.96
CA GLN B 148 -3.11 4.09 -22.29
C GLN B 148 -2.31 3.94 -21.00
N LEU B 149 -2.90 3.25 -20.04
CA LEU B 149 -2.21 2.84 -18.83
C LEU B 149 -1.50 1.53 -19.13
N SER B 150 -0.17 1.52 -18.93
N SER B 150 -0.17 1.52 -18.98
CA SER B 150 0.64 0.37 -19.25
CA SER B 150 0.56 0.33 -19.37
C SER B 150 0.43 -0.74 -18.21
C SER B 150 0.56 -0.70 -18.24
N PRO B 151 0.73 -1.98 -18.58
CA PRO B 151 0.75 -3.04 -17.58
C PRO B 151 1.68 -2.68 -16.43
N ILE B 152 1.28 -3.06 -15.24
CA ILE B 152 1.95 -2.61 -14.05
C ILE B 152 2.93 -3.67 -13.61
N GLN B 153 4.18 -3.28 -13.54
CA GLN B 153 5.28 -4.03 -12.93
C GLN B 153 6.01 -3.04 -12.04
N PRO B 154 6.73 -3.50 -11.04
CA PRO B 154 7.43 -2.55 -10.18
C PRO B 154 8.52 -1.81 -10.95
N LYS B 155 8.63 -0.51 -10.67
CA LYS B 155 9.66 0.34 -11.25
C LYS B 155 9.99 1.40 -10.22
N ARG B 156 11.27 1.64 -10.00
CA ARG B 156 11.68 2.52 -8.93
CA ARG B 156 11.68 2.52 -8.93
C ARG B 156 11.13 3.93 -9.16
N PRO B 157 10.62 4.59 -8.11
CA PRO B 157 10.05 5.93 -8.28
C PRO B 157 11.09 6.93 -8.75
N ALA B 158 10.64 7.84 -9.62
CA ALA B 158 11.46 8.89 -10.17
C ALA B 158 10.58 10.14 -10.32
N ALA B 159 11.22 11.23 -10.71
CA ALA B 159 10.44 12.44 -10.92
C ALA B 159 11.20 13.37 -11.85
N THR B 160 10.58 13.69 -12.97
CA THR B 160 11.19 14.53 -13.98
C THR B 160 10.19 15.61 -14.40
N TYR B 161 9.03 15.19 -14.89
CA TYR B 161 8.02 16.14 -15.36
C TYR B 161 7.05 16.58 -14.27
N LEU B 162 6.89 15.79 -13.21
CA LEU B 162 6.11 16.18 -12.04
C LEU B 162 7.01 16.00 -10.82
N GLY B 163 7.41 17.11 -10.24
CA GLY B 163 8.32 17.11 -9.12
C GLY B 163 7.81 17.91 -7.95
N LYS B 164 8.74 18.28 -7.08
CA LYS B 164 8.36 18.88 -5.82
C LYS B 164 7.63 20.19 -6.02
N ALA B 165 8.02 20.98 -7.01
CA ALA B 165 7.41 22.30 -7.21
C ALA B 165 6.16 22.26 -8.05
N GLY B 166 5.97 21.21 -8.86
CA GLY B 166 4.88 21.20 -9.80
C GLY B 166 5.26 20.49 -11.09
N TYR B 167 4.56 20.87 -12.17
CA TYR B 167 4.70 20.25 -13.49
C TYR B 167 5.63 21.18 -14.28
N VAL B 168 6.89 20.77 -14.42
N VAL B 168 6.89 20.76 -14.39
CA VAL B 168 7.94 21.69 -14.86
CA VAL B 168 7.97 21.61 -14.89
C VAL B 168 7.72 22.18 -16.28
C VAL B 168 7.65 22.21 -16.25
N GLY B 169 7.05 21.41 -17.13
CA GLY B 169 6.82 21.82 -18.50
C GLY B 169 5.57 22.62 -18.73
N LEU B 170 4.74 22.78 -17.70
CA LEU B 170 3.44 23.46 -17.83
C LEU B 170 3.60 24.86 -17.27
N THR B 171 4.34 25.65 -18.04
CA THR B 171 4.70 27.01 -17.67
C THR B 171 3.67 28.02 -18.20
N ARG B 172 3.75 29.24 -17.67
CA ARG B 172 2.99 30.35 -18.22
C ARG B 172 3.25 30.45 -19.72
N GLN B 173 2.20 30.67 -20.48
CA GLN B 173 2.28 30.88 -21.92
C GLN B 173 1.80 32.28 -22.24
N ALA B 174 2.70 33.10 -22.74
CA ALA B 174 2.40 34.50 -22.98
C ALA B 174 1.87 34.78 -24.38
N ASP B 175 2.00 33.84 -25.30
CA ASP B 175 1.58 34.07 -26.67
C ASP B 175 1.01 32.76 -27.23
N ALA B 176 -0.10 32.32 -26.64
CA ALA B 176 -0.74 31.10 -27.10
C ALA B 176 -1.14 31.21 -28.56
N ALA B 177 -1.58 32.39 -28.99
CA ALA B 177 -2.04 32.58 -30.36
C ALA B 177 -0.99 32.17 -31.38
N ASN B 178 0.29 32.40 -31.09
CA ASN B 178 1.35 32.03 -32.03
C ASN B 178 2.10 30.76 -31.66
N ASN B 179 2.22 30.44 -30.37
CA ASN B 179 3.05 29.31 -29.95
C ASN B 179 2.26 28.03 -29.78
N PHE B 180 0.98 28.12 -29.45
CA PHE B 180 0.12 26.95 -29.33
C PHE B 180 -0.74 26.74 -30.57
N HIS B 181 -1.46 27.77 -30.98
CA HIS B 181 -2.33 27.67 -32.14
C HIS B 181 -1.54 27.81 -33.44
N ASP B 182 -1.91 27.00 -34.42
CA ASP B 182 -1.41 27.13 -35.76
C ASP B 182 -2.02 28.34 -36.47
N ASN B 183 -1.53 28.63 -37.69
CA ASN B 183 -2.12 29.68 -38.48
C ASN B 183 -3.33 29.23 -39.29
N ASP B 184 -3.36 27.95 -39.72
CA ASP B 184 -4.32 27.47 -40.71
C ASP B 184 -5.14 26.28 -40.26
N ALA B 185 -4.59 25.40 -39.43
CA ALA B 185 -5.24 24.14 -39.13
C ALA B 185 -6.58 24.36 -38.46
N GLU B 186 -7.62 23.70 -38.96
CA GLU B 186 -8.95 23.90 -38.43
C GLU B 186 -9.23 22.91 -37.29
N CYS B 187 -9.91 23.41 -36.26
CA CYS B 187 -10.11 22.62 -35.04
C CYS B 187 -11.25 23.27 -34.22
N ARG B 188 -12.43 22.65 -34.26
CA ARG B 188 -13.54 23.24 -33.52
C ARG B 188 -13.37 23.14 -32.02
N LEU B 189 -12.47 22.27 -31.56
CA LEU B 189 -12.16 22.16 -30.14
C LEU B 189 -11.33 23.33 -29.62
N ALA B 190 -10.87 24.23 -30.48
CA ALA B 190 -10.06 25.36 -30.05
C ALA B 190 -10.87 26.58 -29.62
N SER B 191 -12.19 26.60 -29.83
N SER B 191 -12.20 26.53 -29.73
CA SER B 191 -13.01 27.73 -29.44
CA SER B 191 -13.04 27.69 -29.50
C SER B 191 -14.42 27.25 -29.12
C SER B 191 -14.43 27.23 -29.11
N GLY B 192 -15.12 28.05 -28.32
CA GLY B 192 -16.53 27.85 -28.07
C GLY B 192 -17.43 28.73 -28.93
N HIS B 193 -16.86 29.54 -29.81
CA HIS B 193 -17.66 30.36 -30.69
C HIS B 193 -18.21 29.49 -31.83
N ASN B 194 -19.28 29.97 -32.47
CA ASN B 194 -19.97 29.11 -33.43
C ASN B 194 -19.32 29.09 -34.81
N THR B 195 -18.62 30.13 -35.22
CA THR B 195 -18.14 30.16 -36.60
C THR B 195 -17.07 29.10 -36.82
N ASN B 196 -16.07 29.03 -35.93
CA ASN B 196 -14.93 28.13 -36.05
C ASN B 196 -14.83 27.16 -34.90
N GLY B 197 -15.74 27.21 -33.94
CA GLY B 197 -15.61 26.43 -32.71
C GLY B 197 -16.79 25.51 -32.45
N LEU B 198 -17.03 25.23 -31.18
CA LEU B 198 -18.00 24.22 -30.80
C LEU B 198 -19.44 24.69 -30.85
N GLY B 199 -19.69 26.00 -30.91
CA GLY B 199 -21.06 26.46 -31.01
C GLY B 199 -21.70 26.08 -32.32
N LYS B 200 -23.02 25.87 -32.31
CA LYS B 200 -23.79 25.56 -33.51
C LYS B 200 -24.54 26.82 -33.93
N SER B 201 -25.71 27.09 -33.33
CA SER B 201 -26.46 28.29 -33.71
C SER B 201 -25.92 29.55 -33.06
N GLY B 202 -25.20 29.40 -31.96
CA GLY B 202 -24.56 30.52 -31.31
C GLY B 202 -23.38 30.02 -30.51
N GLN B 203 -22.74 30.95 -29.82
CA GLN B 203 -21.60 30.59 -29.01
C GLN B 203 -22.06 29.75 -27.81
N LEU B 204 -21.13 28.95 -27.28
CA LEU B 204 -21.40 28.26 -26.02
C LEU B 204 -21.67 29.28 -24.93
N SER B 205 -22.41 28.83 -23.90
N SER B 205 -22.42 28.88 -23.91
CA SER B 205 -22.88 29.70 -22.81
CA SER B 205 -22.87 29.84 -22.92
C SER B 205 -21.74 30.36 -22.07
C SER B 205 -21.80 30.28 -21.92
N ALA B 206 -20.62 29.65 -21.93
CA ALA B 206 -19.52 30.08 -21.10
C ALA B 206 -18.24 29.48 -21.67
N ALA B 207 -17.11 29.91 -21.12
CA ALA B 207 -15.83 29.24 -21.39
C ALA B 207 -15.92 27.79 -20.95
N VAL B 208 -15.15 26.93 -21.63
N VAL B 208 -15.23 26.92 -21.65
CA VAL B 208 -15.07 25.48 -21.38
CA VAL B 208 -15.11 25.54 -21.23
C VAL B 208 -13.63 25.14 -21.02
C VAL B 208 -13.66 25.30 -20.87
N THR B 209 -13.43 24.39 -19.94
CA THR B 209 -12.10 23.92 -19.64
C THR B 209 -11.96 22.48 -20.06
N MET B 210 -10.74 22.09 -20.37
N MET B 210 -10.75 22.10 -20.47
CA MET B 210 -10.45 20.72 -20.76
CA MET B 210 -10.42 20.71 -20.81
C MET B 210 -9.13 20.27 -20.14
C MET B 210 -9.19 20.27 -20.05
N ALA B 211 -8.98 18.95 -20.07
CA ALA B 211 -7.85 18.30 -19.42
C ALA B 211 -7.81 18.67 -17.95
N ALA B 212 -8.90 18.35 -17.25
CA ALA B 212 -9.05 18.62 -15.83
C ALA B 212 -8.65 20.06 -15.49
N GLY B 213 -9.15 21.02 -16.27
CA GLY B 213 -8.98 22.41 -15.94
C GLY B 213 -7.71 23.05 -16.44
N TYR B 214 -6.91 22.34 -17.24
CA TYR B 214 -5.64 22.88 -17.69
C TYR B 214 -5.83 24.01 -18.70
N VAL B 215 -6.66 23.77 -19.72
CA VAL B 215 -6.82 24.72 -20.83
C VAL B 215 -8.23 25.30 -20.80
N THR B 216 -8.32 26.61 -20.99
CA THR B 216 -9.57 27.34 -21.01
C THR B 216 -9.86 27.80 -22.43
N VAL B 217 -10.99 27.33 -22.94
CA VAL B 217 -11.45 27.58 -24.29
C VAL B 217 -12.57 28.61 -24.19
N ALA B 218 -12.29 29.83 -24.63
CA ALA B 218 -13.24 30.92 -24.52
C ALA B 218 -14.41 30.71 -25.49
N ASN B 219 -15.55 31.34 -25.18
CA ASN B 219 -16.70 31.28 -26.08
C ASN B 219 -16.70 32.41 -27.12
N SER B 220 -15.59 33.12 -27.25
CA SER B 220 -15.39 34.19 -28.22
C SER B 220 -14.21 33.81 -29.11
N GLN B 221 -13.94 34.65 -30.10
CA GLN B 221 -12.92 34.35 -31.09
C GLN B 221 -11.57 34.83 -30.59
N THR B 222 -11.04 34.09 -29.62
CA THR B 222 -9.78 34.44 -28.97
C THR B 222 -9.05 33.16 -28.59
N ALA B 223 -7.74 33.28 -28.42
CA ALA B 223 -6.89 32.13 -28.20
C ALA B 223 -7.18 31.46 -26.85
N VAL B 224 -6.78 30.19 -26.74
CA VAL B 224 -6.90 29.53 -25.43
C VAL B 224 -5.98 30.20 -24.43
N THR B 225 -6.26 29.93 -23.14
CA THR B 225 -5.31 30.22 -22.06
C THR B 225 -5.05 28.92 -21.30
N VAL B 226 -3.89 28.86 -20.65
CA VAL B 226 -3.51 27.68 -19.89
C VAL B 226 -3.09 28.07 -18.49
N GLN B 227 -3.30 27.15 -17.55
CA GLN B 227 -2.76 27.30 -16.20
C GLN B 227 -1.25 27.11 -16.20
N ALA B 228 -0.56 27.96 -15.48
CA ALA B 228 0.81 27.68 -15.12
C ALA B 228 0.76 26.75 -13.91
N LEU B 229 1.32 25.56 -14.05
CA LEU B 229 1.26 24.52 -13.03
C LEU B 229 2.65 24.13 -12.53
N ASP B 230 3.64 24.99 -12.79
CA ASP B 230 5.03 24.73 -12.42
C ASP B 230 5.42 25.22 -11.04
N ALA B 231 4.55 25.94 -10.33
CA ALA B 231 4.86 26.48 -9.01
C ALA B 231 3.61 26.38 -8.15
N LEU B 232 3.20 25.15 -7.84
CA LEU B 232 1.90 24.93 -7.23
C LEU B 232 1.90 25.20 -5.74
N GLN B 233 0.71 25.50 -5.23
CA GLN B 233 0.46 25.64 -3.82
C GLN B 233 -0.76 24.80 -3.50
N GLU B 234 -0.80 24.30 -2.26
CA GLU B 234 -1.96 23.53 -1.86
C GLU B 234 -3.19 24.41 -1.94
N ALA B 235 -4.24 23.87 -2.54
CA ALA B 235 -5.49 24.57 -2.68
C ALA B 235 -6.59 23.51 -2.73
N ALA B 238 -10.17 24.05 -6.77
CA ALA B 238 -9.69 24.71 -7.98
C ALA B 238 -10.33 24.06 -9.22
N ALA B 239 -10.48 24.85 -10.28
CA ALA B 239 -10.93 24.24 -11.53
C ALA B 239 -9.95 23.18 -12.02
N HIS B 240 -8.70 23.25 -11.60
CA HIS B 240 -7.68 22.29 -12.03
C HIS B 240 -7.24 21.45 -10.84
N GLN B 241 -8.18 21.19 -9.93
CA GLN B 241 -7.84 20.45 -8.72
C GLN B 241 -7.16 19.11 -8.95
N PRO B 242 -7.53 18.30 -9.96
CA PRO B 242 -6.84 17.01 -10.12
C PRO B 242 -5.34 17.14 -10.31
N TRP B 243 -4.88 18.24 -10.89
CA TRP B 243 -3.45 18.47 -11.02
C TRP B 243 -2.82 18.69 -9.66
N ILE B 244 -3.47 19.50 -8.81
N ILE B 244 -3.50 19.46 -8.81
CA ILE B 244 -2.98 19.73 -7.46
CA ILE B 244 -2.99 19.72 -7.46
C ILE B 244 -2.98 18.42 -6.68
C ILE B 244 -3.00 18.43 -6.65
N ASP B 245 -4.05 17.63 -6.78
CA ASP B 245 -4.17 16.40 -6.01
C ASP B 245 -3.03 15.44 -6.34
N ALA B 246 -2.71 15.27 -7.62
CA ALA B 246 -1.65 14.34 -7.98
C ALA B 246 -0.29 14.86 -7.52
N TRP B 247 -0.05 16.16 -7.65
CA TRP B 247 1.18 16.77 -7.20
C TRP B 247 1.38 16.60 -5.70
N LYS B 248 0.33 16.89 -4.91
CA LYS B 248 0.42 16.76 -3.46
C LYS B 248 0.67 15.31 -3.06
N ALA B 249 -0.04 14.37 -3.68
CA ALA B 249 0.09 12.97 -3.30
C ALA B 249 1.49 12.48 -3.62
N LYS B 250 2.06 12.92 -4.73
CA LYS B 250 3.41 12.46 -5.08
C LYS B 250 4.45 13.08 -4.16
N LYS B 251 4.30 14.36 -3.82
CA LYS B 251 5.24 15.04 -2.93
C LYS B 251 5.24 14.42 -1.54
N ALA B 252 4.10 13.84 -1.14
CA ALA B 252 3.92 13.30 0.20
C ALA B 252 4.61 11.96 0.37
N LEU B 253 5.03 11.31 -0.72
CA LEU B 253 5.57 9.96 -0.61
C LEU B 253 6.92 10.01 0.07
N THR B 254 7.10 9.17 1.07
CA THR B 254 8.43 9.00 1.63
C THR B 254 9.20 7.82 1.02
N GLY B 255 8.51 6.90 0.38
CA GLY B 255 9.10 5.59 0.13
C GLY B 255 9.27 4.80 1.43
N ALA B 256 9.79 3.60 1.29
CA ALA B 256 10.09 2.73 2.42
C ALA B 256 11.42 3.14 3.04
N GLU B 257 11.48 4.38 3.49
CA GLU B 257 12.75 5.01 3.86
C GLU B 257 12.65 5.76 5.17
N THR B 258 11.55 5.64 5.90
CA THR B 258 11.48 6.17 7.24
C THR B 258 12.23 5.23 8.19
N ALA B 259 12.40 5.69 9.42
CA ALA B 259 13.35 5.05 10.32
C ALA B 259 13.05 3.58 10.58
N GLU B 260 11.76 3.18 10.54
CA GLU B 260 11.40 1.78 10.76
C GLU B 260 12.12 0.84 9.79
N PHE B 261 12.43 1.30 8.58
CA PHE B 261 12.88 0.47 7.49
C PHE B 261 14.39 0.49 7.32
N ARG B 262 15.09 1.32 8.09
CA ARG B 262 16.52 1.57 7.92
C ARG B 262 17.27 1.16 9.17
N ASN B 263 18.46 0.62 8.99
CA ASN B 263 19.30 0.33 10.13
C ASN B 263 19.93 1.59 10.71
N GLU B 264 20.37 1.50 11.96
CA GLU B 264 20.81 2.64 12.75
C GLU B 264 22.31 2.60 12.98
N THR B 265 22.94 3.76 12.95
CA THR B 265 24.40 3.80 13.15
C THR B 265 24.81 4.72 14.28
N ALA B 266 24.04 4.79 15.34
CA ALA B 266 24.27 5.74 16.41
C ALA B 266 24.64 5.08 17.75
N GLY B 267 25.42 4.01 17.76
CA GLY B 267 25.82 3.38 19.01
C GLY B 267 24.74 2.54 19.65
N ILE B 268 25.11 1.80 20.67
CA ILE B 268 24.27 0.70 21.15
C ILE B 268 23.19 1.19 22.09
N ALA B 269 23.52 2.05 23.05
CA ALA B 269 22.53 2.43 24.05
C ALA B 269 21.35 3.15 23.42
N GLY B 270 21.58 3.89 22.34
CA GLY B 270 20.55 4.63 21.66
C GLY B 270 19.87 3.88 20.54
N LYS B 271 20.22 2.62 20.32
CA LYS B 271 19.57 1.84 19.27
C LYS B 271 18.17 1.44 19.76
N THR B 272 17.21 1.42 18.82
CA THR B 272 15.82 1.14 19.16
C THR B 272 15.71 -0.08 20.07
N GLY B 273 15.02 0.11 21.19
CA GLY B 273 14.71 -0.95 22.14
C GLY B 273 15.77 -1.25 23.20
N VAL B 274 17.01 -0.87 22.97
CA VAL B 274 18.11 -1.39 23.77
C VAL B 274 18.05 -0.89 25.21
N THR B 275 17.99 0.42 25.42
CA THR B 275 18.04 0.96 26.77
C THR B 275 16.87 0.44 27.59
N LYS B 276 15.68 0.40 27.00
CA LYS B 276 14.52 -0.05 27.75
C LYS B 276 14.68 -1.52 28.13
N LEU B 277 15.20 -2.36 27.23
CA LEU B 277 15.38 -3.77 27.56
C LEU B 277 16.42 -3.95 28.66
N VAL B 278 17.50 -3.20 28.61
CA VAL B 278 18.51 -3.29 29.67
C VAL B 278 17.90 -2.88 31.01
N GLU B 279 17.14 -1.79 31.01
CA GLU B 279 16.51 -1.32 32.24
C GLU B 279 15.53 -2.34 32.78
N GLU B 280 14.74 -2.93 31.90
N GLU B 280 14.69 -2.89 31.91
CA GLU B 280 13.62 -3.72 32.36
CA GLU B 280 13.60 -3.76 32.35
C GLU B 280 14.03 -5.15 32.69
C GLU B 280 14.10 -5.13 32.75
N ALA B 281 14.93 -5.74 31.91
CA ALA B 281 15.27 -7.14 32.05
C ALA B 281 16.58 -7.37 32.79
N LEU B 282 17.52 -6.43 32.75
CA LEU B 282 18.82 -6.66 33.35
C LEU B 282 18.98 -5.89 34.65
N LEU B 283 18.76 -4.59 34.63
CA LEU B 283 18.79 -3.79 35.86
C LEU B 283 17.53 -3.96 36.70
N LYS B 284 16.43 -4.30 36.06
CA LYS B 284 15.13 -4.40 36.72
C LYS B 284 14.79 -3.16 37.52
N LYS B 285 14.96 -2.00 36.88
CA LYS B 285 14.57 -0.73 37.49
C LYS B 285 14.00 0.19 36.42
N LYS B 286 13.18 1.15 36.86
CA LYS B 286 12.46 1.96 35.89
C LYS B 286 13.30 3.13 35.36
N ASP B 287 14.08 3.79 36.21
CA ASP B 287 14.76 5.02 35.81
C ASP B 287 16.24 4.87 36.13
N SER B 288 17.02 4.54 35.12
CA SER B 288 18.43 4.30 35.29
C SER B 288 19.23 5.46 34.70
N GLU B 289 20.49 5.53 35.11
CA GLU B 289 21.41 6.50 34.53
C GLU B 289 22.13 5.87 33.36
N ALA B 290 22.53 6.72 32.41
CA ALA B 290 23.22 6.25 31.22
C ALA B 290 24.44 5.41 31.58
N SER B 291 25.14 5.79 32.65
CA SER B 291 26.33 5.04 33.06
C SER B 291 25.98 3.60 33.44
N GLU B 292 24.82 3.40 34.05
CA GLU B 292 24.41 2.05 34.44
C GLU B 292 24.11 1.21 33.20
N ILE B 293 23.46 1.82 32.20
CA ILE B 293 23.21 1.12 30.95
C ILE B 293 24.52 0.73 30.31
N GLN B 294 25.46 1.67 30.25
CA GLN B 294 26.75 1.42 29.64
C GLN B 294 27.50 0.31 30.34
N THR B 295 27.42 0.25 31.68
CA THR B 295 28.06 -0.83 32.41
C THR B 295 27.49 -2.18 32.00
N GLU B 296 26.16 -2.29 31.90
CA GLU B 296 25.57 -3.55 31.46
C GLU B 296 25.99 -3.88 30.04
N LEU B 297 25.98 -2.89 29.15
CA LEU B 297 26.31 -3.20 27.77
C LEU B 297 27.74 -3.72 27.64
N LYS B 298 28.65 -3.19 28.46
CA LYS B 298 30.02 -3.69 28.44
C LYS B 298 30.09 -5.17 28.74
N LYS B 299 29.24 -5.63 29.67
CA LYS B 299 29.26 -7.04 30.05
C LYS B 299 28.92 -7.94 28.86
N TYR B 300 27.99 -7.51 28.01
CA TYR B 300 27.45 -8.38 26.98
C TYR B 300 28.00 -8.09 25.60
N PHE B 301 28.38 -6.84 25.32
CA PHE B 301 28.93 -6.43 24.04
C PHE B 301 30.40 -6.07 24.10
N SER B 302 30.97 -5.92 25.31
CA SER B 302 32.35 -5.49 25.52
C SER B 302 32.57 -4.06 25.09
N GLY B 303 31.51 -3.27 25.06
CA GLY B 303 31.60 -1.88 24.66
C GLY B 303 30.21 -1.41 24.32
N HIS B 304 30.12 -0.15 23.91
CA HIS B 304 28.83 0.43 23.60
C HIS B 304 28.79 1.15 22.26
N GLU B 305 29.76 0.90 21.38
CA GLU B 305 29.84 1.52 20.07
C GLU B 305 29.36 0.57 18.98
N ASN B 306 29.14 1.14 17.80
CA ASN B 306 28.66 0.37 16.65
C ASN B 306 29.57 -0.85 16.42
N GLU B 307 30.88 -0.67 16.59
CA GLU B 307 31.78 -1.77 16.28
C GLU B 307 31.52 -2.99 17.15
N GLN B 308 31.13 -2.80 18.40
CA GLN B 308 30.86 -3.96 19.24
C GLN B 308 29.55 -4.63 18.84
N TRP B 309 28.56 -3.83 18.41
CA TRP B 309 27.32 -4.42 17.88
C TRP B 309 27.61 -5.25 16.62
N THR B 310 28.37 -4.67 15.68
CA THR B 310 28.76 -5.38 14.48
C THR B 310 29.50 -6.67 14.81
N ALA B 311 30.37 -6.65 15.82
CA ALA B 311 31.10 -7.86 16.17
C ALA B 311 30.17 -8.97 16.66
N ILE B 312 29.16 -8.61 17.46
CA ILE B 312 28.19 -9.62 17.88
C ILE B 312 27.40 -10.12 16.67
N GLU B 313 27.03 -9.21 15.76
CA GLU B 313 26.31 -9.65 14.57
C GLU B 313 27.13 -10.60 13.71
N LYS B 314 28.46 -10.41 13.67
CA LYS B 314 29.31 -11.32 12.93
C LYS B 314 29.30 -12.70 13.58
N LEU B 315 29.38 -12.78 14.92
CA LEU B 315 29.28 -14.06 15.59
C LEU B 315 27.94 -14.74 15.28
N ILE B 316 26.85 -13.98 15.31
CA ILE B 316 25.55 -14.55 14.99
C ILE B 316 25.57 -15.10 13.57
N SER B 317 26.08 -14.30 12.62
CA SER B 317 26.06 -14.69 11.23
C SER B 317 26.90 -15.92 10.95
N GLU B 318 27.96 -16.13 11.73
CA GLU B 318 28.86 -17.26 11.54
C GLU B 318 28.40 -18.55 12.20
N GLN B 319 27.40 -18.48 13.08
CA GLN B 319 26.94 -19.66 13.81
C GLN B 319 26.28 -20.66 12.88
N PRO B 320 26.75 -21.91 12.81
CA PRO B 320 26.04 -22.90 12.00
C PRO B 320 24.87 -23.54 12.72
N VAL B 321 23.92 -23.99 11.91
CA VAL B 321 22.83 -24.83 12.39
C VAL B 321 23.07 -26.28 11.97
N ALA B 322 22.27 -27.18 12.52
CA ALA B 322 22.41 -28.60 12.17
C ALA B 322 22.11 -28.82 10.69
N GLN B 323 22.93 -29.65 10.05
CA GLN B 323 22.84 -29.75 8.59
C GLN B 323 21.53 -30.40 8.14
N ASN B 324 20.86 -31.16 9.00
CA ASN B 324 19.58 -31.75 8.64
C ASN B 324 18.44 -30.73 8.61
N LEU B 325 18.67 -29.51 9.09
CA LEU B 325 17.66 -28.46 9.06
C LEU B 325 17.65 -27.68 7.76
N VAL B 326 18.57 -27.99 6.84
CA VAL B 326 18.64 -27.29 5.56
C VAL B 326 18.73 -28.35 4.47
N GLY B 327 18.60 -27.90 3.21
CA GLY B 327 18.70 -28.81 2.08
C GLY B 327 20.07 -29.46 1.93
N ASP B 328 20.07 -30.51 1.12
CA ASP B 328 21.29 -31.28 0.91
C ASP B 328 22.35 -30.40 0.26
N ASN B 329 23.54 -30.40 0.84
CA ASN B 329 24.67 -29.63 0.33
C ASN B 329 24.42 -28.12 0.40
N GLN B 330 23.46 -27.68 1.21
CA GLN B 330 23.14 -26.27 1.32
C GLN B 330 23.86 -25.62 2.48
N PRO B 331 24.00 -24.29 2.46
CA PRO B 331 24.72 -23.60 3.53
C PRO B 331 24.04 -23.79 4.87
N THR B 332 24.85 -23.74 5.94
CA THR B 332 24.33 -23.91 7.29
C THR B 332 24.62 -22.75 8.24
N LYS B 333 25.46 -21.77 7.85
CA LYS B 333 25.68 -20.63 8.75
C LYS B 333 24.51 -19.67 8.66
N LEU B 334 24.12 -19.14 9.83
CA LEU B 334 22.90 -18.33 9.89
C LEU B 334 22.93 -17.18 8.90
N GLY B 335 24.07 -16.51 8.73
CA GLY B 335 24.16 -15.39 7.80
C GLY B 335 23.99 -15.77 6.34
N GLU B 336 24.08 -17.05 6.02
CA GLU B 336 23.86 -17.57 4.68
C GLU B 336 22.45 -18.06 4.46
N LEU B 337 21.59 -17.96 5.48
CA LEU B 337 20.20 -18.37 5.39
C LEU B 337 19.34 -17.11 5.34
N GLU B 338 18.30 -17.15 4.53
CA GLU B 338 17.35 -16.05 4.48
C GLU B 338 15.96 -16.61 4.23
N GLY B 339 14.98 -15.77 4.52
CA GLY B 339 13.58 -16.14 4.34
C GLY B 339 12.93 -16.34 5.68
N ASN B 340 11.83 -15.64 5.93
CA ASN B 340 11.26 -15.63 7.26
C ASN B 340 10.74 -17.02 7.64
N ALA B 341 9.90 -17.61 6.79
CA ALA B 341 9.34 -18.91 7.14
C ALA B 341 10.45 -19.95 7.33
N LYS B 342 11.50 -19.89 6.52
CA LYS B 342 12.63 -20.81 6.67
C LYS B 342 13.26 -20.68 8.05
N LEU B 343 13.59 -19.47 8.46
CA LEU B 343 14.26 -19.27 9.74
C LEU B 343 13.32 -19.50 10.92
N THR B 344 12.03 -19.22 10.75
CA THR B 344 11.05 -19.48 11.82
C THR B 344 11.08 -20.94 12.26
N THR B 345 11.08 -21.86 11.30
CA THR B 345 11.03 -23.26 11.74
C THR B 345 12.36 -23.75 12.30
N ILE B 346 13.48 -23.13 11.90
CA ILE B 346 14.75 -23.44 12.56
C ILE B 346 14.69 -22.97 14.00
N LEU B 347 14.16 -21.75 14.25
CA LEU B 347 13.98 -21.30 15.62
C LEU B 347 13.11 -22.27 16.42
N ALA B 348 12.05 -22.78 15.83
CA ALA B 348 11.21 -23.74 16.55
C ALA B 348 12.01 -24.98 16.95
N TYR B 349 12.83 -25.49 16.04
CA TYR B 349 13.68 -26.63 16.37
C TYR B 349 14.53 -26.35 17.60
N TYR B 350 15.22 -25.22 17.61
CA TYR B 350 16.10 -24.90 18.72
C TYR B 350 15.35 -24.56 19.99
N ARG B 351 14.13 -24.02 19.88
CA ARG B 351 13.30 -23.88 21.08
C ARG B 351 12.94 -25.23 21.66
N MET B 352 12.65 -26.21 20.81
CA MET B 352 12.34 -27.50 21.41
C MET B 352 13.60 -28.13 21.98
N GLU B 353 14.76 -27.89 21.39
CA GLU B 353 16.01 -28.36 22.00
C GLU B 353 16.21 -27.73 23.36
N THR B 354 15.96 -26.42 23.48
CA THR B 354 16.08 -25.72 24.76
C THR B 354 15.12 -26.29 25.81
N ALA B 355 13.87 -26.54 25.40
CA ALA B 355 12.90 -27.09 26.32
C ALA B 355 13.36 -28.44 26.83
N GLY B 356 13.91 -29.27 25.94
CA GLY B 356 14.37 -30.60 26.33
C GLY B 356 15.59 -30.54 27.22
N LYS B 357 16.54 -29.67 26.89
CA LYS B 357 17.74 -29.53 27.71
C LYS B 357 17.35 -29.01 29.10
N PHE B 358 16.39 -28.09 29.16
CA PHE B 358 15.92 -27.59 30.45
C PHE B 358 15.37 -28.72 31.29
N GLU B 359 14.57 -29.59 30.67
CA GLU B 359 14.03 -30.74 31.42
C GLU B 359 15.15 -31.66 31.94
N VAL B 360 16.14 -31.95 31.09
CA VAL B 360 17.22 -32.85 31.53
C VAL B 360 18.01 -32.22 32.68
N LEU B 361 18.27 -30.92 32.61
CA LEU B 361 19.09 -30.26 33.62
C LEU B 361 18.35 -30.03 34.92
N THR B 362 17.00 -30.05 34.93
CA THR B 362 16.26 -29.71 36.14
C THR B 362 15.49 -30.87 36.76
N GLN B 363 15.42 -32.02 36.10
CA GLN B 363 14.69 -33.15 36.67
C GLN B 363 15.62 -34.17 37.30
N GLN C 1 9.79 14.58 2.22
CA GLN C 1 10.26 13.95 3.42
C GLN C 1 9.28 14.04 4.62
N VAL C 2 9.52 13.20 5.62
CA VAL C 2 8.94 13.41 6.94
C VAL C 2 9.09 14.88 7.34
N GLN C 3 8.07 15.44 8.00
CA GLN C 3 8.19 16.79 8.54
C GLN C 3 7.54 16.88 9.92
N LEU C 4 8.25 17.52 10.82
CA LEU C 4 7.69 17.94 12.10
C LEU C 4 7.57 19.45 12.03
N GLN C 5 6.37 19.97 12.25
CA GLN C 5 6.14 21.40 12.08
C GLN C 5 5.57 22.00 13.36
N GLU C 6 6.37 22.85 14.01
CA GLU C 6 5.95 23.55 15.21
C GLU C 6 5.20 24.82 14.86
N SER C 7 4.26 25.18 15.72
CA SER C 7 3.55 26.43 15.61
C SER C 7 3.10 26.89 17.00
N GLY C 8 2.69 28.15 17.09
CA GLY C 8 2.14 28.71 18.30
C GLY C 8 3.04 29.70 18.99
N GLY C 9 4.28 29.83 18.57
CA GLY C 9 5.19 30.76 19.21
C GLY C 9 4.86 32.21 18.94
N GLY C 10 5.54 33.07 19.67
CA GLY C 10 5.38 34.49 19.52
C GLY C 10 5.91 35.22 20.73
N LEU C 11 5.60 36.52 20.78
CA LEU C 11 5.94 37.44 21.85
C LEU C 11 4.84 37.38 22.91
N VAL C 12 5.16 36.99 24.15
CA VAL C 12 4.20 36.81 25.23
C VAL C 12 4.70 37.49 26.50
N GLN C 13 3.77 37.99 27.30
CA GLN C 13 4.20 38.59 28.54
C GLN C 13 4.46 37.54 29.61
N ALA C 14 5.47 37.82 30.43
CA ALA C 14 5.78 36.94 31.54
C ALA C 14 4.57 36.76 32.44
N GLY C 15 4.40 35.55 32.95
CA GLY C 15 3.37 35.23 33.91
C GLY C 15 2.19 34.48 33.33
N GLY C 16 1.93 34.60 32.03
CA GLY C 16 0.79 33.96 31.40
C GLY C 16 1.14 32.62 30.78
N SER C 17 0.31 32.19 29.83
CA SER C 17 0.42 30.88 29.24
C SER C 17 0.57 30.95 27.73
N LEU C 18 0.96 29.83 27.13
CA LEU C 18 1.15 29.76 25.68
C LEU C 18 1.11 28.29 25.31
N ARG C 19 0.37 27.95 24.26
CA ARG C 19 0.32 26.57 23.76
C ARG C 19 1.11 26.45 22.47
N LEU C 20 2.10 25.56 22.48
CA LEU C 20 2.79 25.19 21.26
C LEU C 20 2.26 23.86 20.74
N SER C 21 2.25 23.73 19.42
CA SER C 21 1.82 22.51 18.75
C SER C 21 2.91 22.06 17.81
N CYS C 22 3.03 20.74 17.66
CA CYS C 22 3.91 20.17 16.64
C CYS C 22 3.18 19.07 15.91
N GLU C 23 3.01 19.24 14.61
CA GLU C 23 2.31 18.26 13.79
C GLU C 23 3.31 17.48 12.95
N ALA C 24 3.19 16.15 12.99
CA ALA C 24 4.04 15.27 12.20
C ALA C 24 3.31 14.91 10.92
N SER C 25 4.01 15.02 9.80
CA SER C 25 3.52 14.60 8.50
C SER C 25 4.46 13.54 7.93
N GLY C 26 3.89 12.59 7.21
CA GLY C 26 4.67 11.57 6.53
C GLY C 26 5.17 10.48 7.44
N LEU C 27 4.62 10.38 8.64
CA LEU C 27 5.16 9.52 9.66
C LEU C 27 4.03 8.85 10.43
N THR C 28 4.26 7.60 10.84
CA THR C 28 3.31 6.89 11.68
C THR C 28 3.48 7.40 13.10
N PHE C 29 2.65 8.37 13.50
CA PHE C 29 2.81 9.06 14.78
C PHE C 29 2.84 8.08 15.95
N SER C 30 2.00 7.05 15.91
CA SER C 30 1.88 6.10 17.01
C SER C 30 3.12 5.25 17.20
N ASN C 31 4.06 5.25 16.23
CA ASN C 31 5.33 4.55 16.40
C ASN C 31 6.39 5.36 17.14
N TYR C 32 6.16 6.63 17.45
CA TYR C 32 7.22 7.52 17.91
C TYR C 32 6.92 8.15 19.27
N ALA C 33 7.93 8.16 20.14
CA ALA C 33 7.93 9.08 21.27
C ALA C 33 8.16 10.49 20.73
N MET C 34 7.55 11.48 21.38
CA MET C 34 7.63 12.86 20.92
C MET C 34 8.15 13.72 22.05
N ALA C 35 9.05 14.63 21.73
CA ALA C 35 9.66 15.49 22.73
C ALA C 35 9.81 16.92 22.24
N TRP C 36 9.85 17.81 23.22
CA TRP C 36 10.16 19.21 23.03
C TRP C 36 11.53 19.50 23.62
N PHE C 37 12.36 20.17 22.83
CA PHE C 37 13.63 20.75 23.23
C PHE C 37 13.56 22.25 23.03
N ARG C 38 14.53 22.98 23.58
CA ARG C 38 14.60 24.41 23.34
C ARG C 38 16.05 24.83 23.24
N GLN C 39 16.28 25.92 22.50
CA GLN C 39 17.65 26.38 22.25
C GLN C 39 17.66 27.91 22.31
N ALA C 40 18.41 28.44 23.20
CA ALA C 40 18.67 29.87 23.15
C ALA C 40 19.93 30.13 22.31
N LYS C 43 23.06 29.53 24.51
CA LYS C 43 23.15 28.30 25.28
C LYS C 43 23.08 27.08 24.36
N GLU C 44 23.29 25.91 24.95
CA GLU C 44 23.14 24.64 24.26
C GLU C 44 21.68 24.21 24.29
N ARG C 45 21.31 23.40 23.30
CA ARG C 45 19.95 22.84 23.27
C ARG C 45 19.66 22.01 24.52
N GLU C 46 18.44 22.14 25.05
CA GLU C 46 18.07 21.43 26.27
C GLU C 46 16.71 20.76 26.12
N PHE C 47 16.59 19.58 26.73
CA PHE C 47 15.33 18.85 26.81
C PHE C 47 14.35 19.63 27.67
N VAL C 48 13.10 19.70 27.22
CA VAL C 48 12.02 20.38 27.95
C VAL C 48 10.99 19.38 28.47
N ALA C 49 10.45 18.54 27.58
CA ALA C 49 9.38 17.62 27.94
C ALA C 49 9.34 16.51 26.90
N GLY C 50 8.81 15.36 27.31
CA GLY C 50 8.69 14.25 26.37
C GLY C 50 7.59 13.30 26.77
N ILE C 51 7.07 12.57 25.77
N ILE C 51 7.14 12.52 25.79
CA ILE C 51 6.05 11.54 25.97
CA ILE C 51 6.07 11.56 26.02
C ILE C 51 6.51 10.28 25.28
C ILE C 51 6.40 10.28 25.26
N SER C 52 6.33 9.16 25.96
CA SER C 52 6.73 7.87 25.41
C SER C 52 5.89 7.51 24.18
N TRP C 53 6.38 6.53 23.41
CA TRP C 53 5.69 6.17 22.18
C TRP C 53 4.30 5.64 22.44
N THR C 54 4.11 4.98 23.58
CA THR C 54 2.82 4.46 23.99
C THR C 54 1.89 5.54 24.50
N GLY C 55 2.41 6.73 24.82
CA GLY C 55 1.67 7.78 25.49
C GLY C 55 1.53 7.59 26.99
N SER C 56 2.05 6.50 27.56
CA SER C 56 1.77 6.20 28.96
C SER C 56 2.66 6.93 29.96
N ARG C 57 3.81 7.47 29.52
CA ARG C 57 4.75 8.13 30.42
C ARG C 57 5.15 9.48 29.86
N THR C 58 5.24 10.47 30.75
N THR C 58 5.11 10.51 30.71
CA THR C 58 5.60 11.83 30.40
CA THR C 58 5.62 11.83 30.38
C THR C 58 6.70 12.31 31.35
C THR C 58 6.78 12.18 31.29
N TYR C 59 7.67 13.02 30.78
CA TYR C 59 8.84 13.49 31.51
C TYR C 59 9.07 14.97 31.26
N TYR C 60 9.63 15.66 32.25
CA TYR C 60 9.89 17.09 32.18
C TYR C 60 11.29 17.41 32.69
N ALA C 61 11.91 18.45 32.12
CA ALA C 61 13.10 19.01 32.72
C ALA C 61 12.76 19.62 34.07
N ASP C 62 13.73 19.59 34.97
CA ASP C 62 13.55 20.15 36.30
C ASP C 62 13.13 21.61 36.20
N SER C 63 13.66 22.34 35.22
CA SER C 63 13.45 23.76 34.98
C SER C 63 11.98 24.11 34.77
N VAL C 64 11.22 23.15 34.22
CA VAL C 64 9.85 23.40 33.78
C VAL C 64 8.83 22.55 34.51
N ARG C 65 9.27 21.56 35.30
CA ARG C 65 8.31 20.68 35.96
C ARG C 65 7.38 21.50 36.85
N GLY C 66 6.10 21.20 36.77
CA GLY C 66 5.10 21.95 37.50
C GLY C 66 4.66 23.23 36.85
N ARG C 67 5.33 23.65 35.77
CA ARG C 67 4.95 24.83 35.00
C ARG C 67 4.46 24.49 33.60
N PHE C 68 5.09 23.55 32.94
CA PHE C 68 4.71 23.15 31.59
C PHE C 68 4.12 21.75 31.65
N THR C 69 3.19 21.47 30.74
CA THR C 69 2.68 20.12 30.56
C THR C 69 2.76 19.76 29.08
N THR C 70 2.78 18.47 28.78
CA THR C 70 2.76 18.02 27.39
C THR C 70 1.72 16.93 27.22
N SER C 71 1.17 16.83 26.01
CA SER C 71 0.20 15.78 25.70
C SER C 71 0.30 15.51 24.22
N ARG C 72 -0.32 14.42 23.80
CA ARG C 72 -0.33 14.07 22.38
C ARG C 72 -1.74 13.63 22.00
N ASP C 73 -2.12 13.96 20.77
CA ASP C 73 -3.42 13.62 20.20
C ASP C 73 -3.15 12.79 18.95
N GLY C 74 -3.35 11.48 19.08
CA GLY C 74 -3.06 10.59 17.98
C GLY C 74 -3.95 10.79 16.77
N HIS C 75 -5.15 11.35 16.96
CA HIS C 75 -6.03 11.59 15.83
C HIS C 75 -5.55 12.73 14.96
N LYS C 76 -4.73 13.62 15.50
CA LYS C 76 -4.24 14.79 14.80
C LYS C 76 -2.74 14.74 14.53
N ASN C 77 -2.06 13.64 14.86
CA ASN C 77 -0.62 13.53 14.66
C ASN C 77 0.12 14.71 15.31
N THR C 78 -0.35 15.17 16.45
CA THR C 78 0.16 16.39 17.07
C THR C 78 0.55 16.16 18.53
N VAL C 79 1.68 16.74 18.91
CA VAL C 79 2.09 16.84 20.31
C VAL C 79 2.05 18.31 20.69
N TYR C 80 1.68 18.57 21.94
CA TYR C 80 1.50 19.91 22.44
C TYR C 80 2.43 20.17 23.60
N LEU C 81 2.80 21.44 23.78
CA LEU C 81 3.50 21.92 24.97
C LEU C 81 2.66 23.06 25.53
N GLN C 82 2.08 22.86 26.69
N GLN C 82 2.07 22.85 26.70
CA GLN C 82 1.28 23.88 27.36
CA GLN C 82 1.26 23.86 27.37
C GLN C 82 2.19 24.56 28.36
C GLN C 82 2.18 24.57 28.36
N MET C 83 2.52 25.81 28.07
CA MET C 83 3.46 26.57 28.88
C MET C 83 2.69 27.47 29.83
N ASN C 84 3.05 27.45 31.10
CA ASN C 84 2.47 28.35 32.10
C ASN C 84 3.59 29.01 32.88
N ASP C 85 3.21 30.07 33.61
CA ASP C 85 4.16 30.77 34.47
C ASP C 85 5.41 31.15 33.69
N LEU C 86 5.18 31.70 32.49
CA LEU C 86 6.26 32.02 31.58
C LEU C 86 7.20 33.04 32.18
N LYS C 87 8.49 32.80 32.02
CA LYS C 87 9.59 33.59 32.57
C LYS C 87 10.51 34.03 31.46
N PRO C 88 11.26 35.10 31.66
CA PRO C 88 12.27 35.48 30.66
C PRO C 88 13.23 34.34 30.32
N GLU C 89 13.57 33.48 31.30
N GLU C 89 13.59 33.50 31.29
CA GLU C 89 14.47 32.35 31.05
CA GLU C 89 14.50 32.40 31.00
C GLU C 89 13.88 31.37 30.04
C GLU C 89 13.87 31.33 30.10
N ASP C 90 12.58 31.44 29.78
CA ASP C 90 11.96 30.50 28.84
C ASP C 90 12.09 30.96 27.40
N THR C 91 12.64 32.14 27.15
CA THR C 91 12.80 32.61 25.77
C THR C 91 13.77 31.70 25.04
N ALA C 92 13.36 31.21 23.88
CA ALA C 92 14.17 30.25 23.14
C ALA C 92 13.42 29.88 21.85
N VAL C 93 14.13 29.23 20.93
CA VAL C 93 13.48 28.45 19.87
C VAL C 93 13.09 27.10 20.46
N TYR C 94 11.81 26.74 20.33
CA TYR C 94 11.28 25.46 20.79
C TYR C 94 11.17 24.52 19.60
N LEU C 95 11.73 23.32 19.77
CA LEU C 95 11.90 22.33 18.70
C LEU C 95 11.25 21.01 19.09
N CYS C 96 10.52 20.44 18.15
N CYS C 96 10.52 20.44 18.15
CA CYS C 96 9.85 19.15 18.29
CA CYS C 96 9.86 19.15 18.29
C CYS C 96 10.79 18.08 17.75
C CYS C 96 10.79 18.08 17.75
N ALA C 97 10.78 16.89 18.38
CA ALA C 97 11.58 15.77 17.94
C ALA C 97 10.84 14.45 18.12
N ALA C 98 11.16 13.48 17.26
CA ALA C 98 10.51 12.16 17.31
C ALA C 98 11.57 11.07 17.44
N ASP C 99 11.29 10.08 18.29
CA ASP C 99 12.19 8.98 18.61
C ASP C 99 11.43 7.67 18.46
N LEU C 100 11.85 6.84 17.50
CA LEU C 100 11.14 5.60 17.19
C LEU C 100 11.06 4.69 18.42
N LEU C 101 9.82 4.32 18.78
CA LEU C 101 9.55 3.42 19.91
C LEU C 101 10.30 3.86 21.16
N GLY C 102 10.37 5.17 21.36
CA GLY C 102 11.19 5.70 22.43
C GLY C 102 10.46 5.88 23.76
N SER C 103 11.27 6.19 24.78
CA SER C 103 10.79 6.26 26.15
C SER C 103 10.16 7.60 26.49
N GLY C 104 10.41 8.62 25.67
CA GLY C 104 9.88 9.94 25.91
C GLY C 104 10.76 10.75 26.86
N LYS C 105 12.03 10.28 27.03
CA LYS C 105 13.15 10.87 27.82
C LYS C 105 14.24 11.38 26.82
N ASP C 106 15.20 12.03 27.48
CA ASP C 106 16.40 12.59 26.90
C ASP C 106 17.40 11.43 27.12
N GLY C 107 18.24 11.39 28.13
CA GLY C 107 19.15 10.30 28.36
C GLY C 107 19.88 9.73 27.16
N THR C 108 19.71 8.43 26.91
CA THR C 108 20.39 7.79 25.81
C THR C 108 19.68 7.95 24.46
N SER C 109 18.50 8.53 24.44
CA SER C 109 17.73 8.60 23.24
C SER C 109 18.34 9.31 22.04
N VAL C 110 18.13 8.75 20.87
CA VAL C 110 18.55 9.36 19.62
C VAL C 110 17.28 9.64 18.82
N TYR C 111 17.04 10.92 18.55
CA TYR C 111 15.82 11.35 17.87
C TYR C 111 16.05 11.32 16.38
N GLU C 112 15.21 10.57 15.67
CA GLU C 112 15.35 10.40 14.24
C GLU C 112 14.89 11.60 13.44
N TYR C 113 13.96 12.38 13.96
CA TYR C 113 13.39 13.49 13.20
C TYR C 113 13.27 14.71 14.10
N TRP C 114 13.50 15.88 13.51
CA TRP C 114 13.50 17.16 14.20
C TRP C 114 12.72 18.18 13.38
N GLY C 115 11.98 19.07 14.06
CA GLY C 115 11.42 20.24 13.41
C GLY C 115 12.43 21.35 13.32
N GLN C 116 11.99 22.44 12.70
CA GLN C 116 12.87 23.61 12.59
C GLN C 116 12.66 24.62 13.70
N GLY C 117 11.56 24.53 14.45
CA GLY C 117 11.38 25.28 15.67
C GLY C 117 10.41 26.44 15.52
N THR C 118 9.91 26.88 16.68
CA THR C 118 9.08 28.07 16.79
C THR C 118 9.67 28.96 17.90
N GLN C 119 9.79 30.25 17.63
CA GLN C 119 10.37 31.18 18.59
C GLN C 119 9.35 31.57 19.64
N VAL C 120 9.77 31.51 20.90
CA VAL C 120 9.00 32.03 22.03
C VAL C 120 9.83 33.10 22.69
N THR C 121 9.29 34.31 22.79
CA THR C 121 9.98 35.42 23.45
C THR C 121 9.11 35.92 24.58
N VAL C 122 9.61 35.81 25.81
CA VAL C 122 8.87 36.21 27.00
C VAL C 122 9.36 37.58 27.46
N SER C 123 8.44 38.55 27.46
CA SER C 123 8.78 39.93 27.80
C SER C 123 8.49 40.19 29.27
N SER C 124 9.41 40.87 29.94
CA SER C 124 9.03 41.28 31.28
C SER C 124 8.86 42.78 31.40
N HIS C 125 8.85 43.48 30.28
CA HIS C 125 8.49 44.89 30.24
C HIS C 125 7.07 45.05 29.73
N HIS C 126 6.57 46.28 29.79
CA HIS C 126 5.20 46.55 29.37
C HIS C 126 5.16 47.54 28.22
N GLN D 1 -11.28 -15.56 -5.15
CA GLN D 1 -11.07 -15.78 -6.58
C GLN D 1 -9.87 -16.68 -6.85
N VAL D 2 -9.27 -17.26 -5.81
CA VAL D 2 -8.23 -18.26 -6.05
C VAL D 2 -8.79 -19.35 -6.95
N GLN D 3 -8.03 -19.72 -7.98
CA GLN D 3 -8.43 -20.81 -8.84
C GLN D 3 -7.22 -21.67 -9.17
N LEU D 4 -7.42 -22.99 -9.13
CA LEU D 4 -6.46 -23.95 -9.66
C LEU D 4 -7.13 -24.57 -10.88
N GLN D 5 -6.45 -24.50 -12.02
CA GLN D 5 -7.09 -25.05 -13.23
C GLN D 5 -6.11 -25.97 -13.93
N GLU D 6 -6.59 -27.21 -14.02
CA GLU D 6 -5.84 -28.29 -14.66
C GLU D 6 -6.08 -28.26 -16.17
N SER D 7 -5.06 -28.64 -16.91
CA SER D 7 -5.14 -28.70 -18.36
C SER D 7 -4.24 -29.81 -18.83
N LEU D 20 0.66 -33.14 -17.83
CA LEU D 20 -0.42 -32.33 -17.28
C LEU D 20 0.14 -31.06 -16.65
N SER D 21 -0.70 -30.03 -16.60
CA SER D 21 -0.39 -28.75 -16.00
C SER D 21 -1.51 -28.32 -15.07
N CYS D 22 -1.14 -27.60 -14.02
CA CYS D 22 -2.08 -26.98 -13.08
C CYS D 22 -1.61 -25.56 -12.86
N GLU D 23 -2.39 -24.54 -13.24
CA GLU D 23 -2.00 -23.15 -13.03
C GLU D 23 -2.82 -22.56 -11.88
N ALA D 24 -2.12 -21.92 -10.95
CA ALA D 24 -2.73 -21.26 -9.81
C ALA D 24 -2.91 -19.78 -10.13
N SER D 25 -4.12 -19.28 -9.92
CA SER D 25 -4.43 -17.87 -10.06
C SER D 25 -4.91 -17.30 -8.73
N GLY D 26 -4.52 -16.06 -8.43
CA GLY D 26 -4.98 -15.41 -7.23
C GLY D 26 -4.25 -15.80 -5.98
N LEU D 27 -3.13 -16.50 -6.10
CA LEU D 27 -2.45 -17.08 -4.95
C LEU D 27 -0.95 -16.84 -5.07
N THR D 28 -0.29 -16.71 -3.92
CA THR D 28 1.18 -16.65 -3.86
C THR D 28 1.69 -18.08 -4.00
N PHE D 29 2.02 -18.47 -5.24
CA PHE D 29 2.38 -19.85 -5.54
C PHE D 29 3.50 -20.35 -4.65
N SER D 30 4.48 -19.50 -4.35
CA SER D 30 5.65 -19.92 -3.60
C SER D 30 5.36 -20.16 -2.14
N ASN D 31 4.16 -19.84 -1.65
CA ASN D 31 3.75 -20.19 -0.29
C ASN D 31 3.14 -21.58 -0.18
N TYR D 32 2.91 -22.28 -1.29
CA TYR D 32 2.10 -23.49 -1.27
C TYR D 32 2.85 -24.71 -1.78
N ALA D 33 2.66 -25.81 -1.07
CA ALA D 33 2.91 -27.12 -1.65
C ALA D 33 1.78 -27.43 -2.62
N MET D 34 2.10 -28.22 -3.63
CA MET D 34 1.09 -28.54 -4.63
C MET D 34 1.10 -30.04 -4.84
N ALA D 35 -0.10 -30.60 -4.98
CA ALA D 35 -0.30 -32.04 -5.02
C ALA D 35 -1.30 -32.37 -6.11
N TRP D 36 -1.20 -33.61 -6.60
CA TRP D 36 -2.12 -34.18 -7.58
C TRP D 36 -2.86 -35.32 -6.90
N PHE D 37 -4.19 -35.34 -7.03
CA PHE D 37 -5.06 -36.39 -6.52
C PHE D 37 -5.84 -36.97 -7.71
N ARG D 38 -6.56 -38.07 -7.48
CA ARG D 38 -7.32 -38.83 -8.47
C ARG D 38 -8.61 -39.38 -7.85
N GLN D 39 -9.73 -39.44 -8.56
CA GLN D 39 -10.86 -40.23 -8.08
C GLN D 39 -11.54 -41.00 -9.22
N GLU D 46 -7.84 -40.49 -4.26
CA GLU D 46 -6.57 -40.87 -3.66
C GLU D 46 -5.43 -39.92 -4.07
N PHE D 47 -4.42 -39.80 -3.20
CA PHE D 47 -3.24 -39.01 -3.48
C PHE D 47 -2.41 -39.68 -4.57
N VAL D 48 -1.91 -38.87 -5.51
CA VAL D 48 -1.09 -39.34 -6.62
C VAL D 48 0.35 -38.84 -6.52
N ALA D 49 0.54 -37.55 -6.31
CA ALA D 49 1.89 -37.00 -6.26
C ALA D 49 1.83 -35.63 -5.61
N GLY D 50 2.99 -35.17 -5.15
CA GLY D 50 3.03 -33.88 -4.47
C GLY D 50 4.43 -33.32 -4.41
N ILE D 51 4.50 -31.99 -4.24
CA ILE D 51 5.80 -31.31 -4.16
C ILE D 51 5.76 -30.26 -3.04
N SER D 52 6.83 -30.20 -2.26
CA SER D 52 6.85 -29.34 -1.08
C SER D 52 6.75 -27.86 -1.47
N TRP D 53 6.39 -27.03 -0.49
CA TRP D 53 6.29 -25.60 -0.75
C TRP D 53 7.61 -25.00 -1.20
N THR D 54 8.73 -25.51 -0.70
CA THR D 54 10.05 -25.02 -1.09
C THR D 54 10.47 -25.52 -2.48
N GLY D 55 9.74 -26.49 -3.06
CA GLY D 55 10.15 -27.13 -4.30
C GLY D 55 11.26 -28.16 -4.16
N SER D 56 11.61 -28.56 -2.94
CA SER D 56 12.77 -29.44 -2.79
C SER D 56 12.41 -30.92 -2.64
N ARG D 57 11.19 -31.29 -2.27
CA ARG D 57 10.85 -32.70 -2.07
C ARG D 57 9.59 -33.05 -2.83
N THR D 58 9.51 -34.30 -3.30
CA THR D 58 8.54 -34.97 -4.17
C THR D 58 7.94 -36.17 -3.44
N TYR D 59 6.66 -36.49 -3.56
CA TYR D 59 6.10 -37.70 -2.96
C TYR D 59 5.10 -38.34 -3.92
N TYR D 60 4.98 -39.67 -3.86
CA TYR D 60 4.15 -40.41 -4.81
C TYR D 60 3.36 -41.50 -4.11
N ALA D 61 2.16 -41.76 -4.64
CA ALA D 61 1.44 -42.98 -4.28
C ALA D 61 2.24 -44.16 -4.77
N ASP D 62 2.25 -45.22 -3.97
CA ASP D 62 2.92 -46.48 -4.27
C ASP D 62 2.64 -46.92 -5.70
N SER D 63 1.34 -46.92 -6.00
CA SER D 63 0.67 -47.30 -7.24
C SER D 63 1.28 -46.65 -8.49
N VAL D 64 1.84 -45.47 -8.30
CA VAL D 64 2.23 -44.60 -9.41
C VAL D 64 3.74 -44.38 -9.48
N ARG D 65 4.50 -44.87 -8.49
CA ARG D 65 5.94 -44.84 -8.30
C ARG D 65 6.67 -44.97 -9.63
N GLY D 66 7.53 -44.07 -10.11
CA GLY D 66 8.39 -44.36 -11.25
C GLY D 66 7.78 -44.01 -12.60
N THR D 70 6.29 -35.25 -10.96
CA THR D 70 5.72 -33.94 -10.75
C THR D 70 6.80 -32.87 -10.64
N SER D 71 6.47 -31.64 -11.03
CA SER D 71 7.44 -30.56 -11.17
C SER D 71 6.70 -29.23 -11.04
N ARG D 72 7.44 -28.13 -10.83
CA ARG D 72 6.81 -26.81 -10.69
C ARG D 72 7.69 -25.72 -11.28
N ASP D 73 7.03 -24.71 -11.87
CA ASP D 73 7.62 -23.53 -12.51
C ASP D 73 7.12 -22.30 -11.76
N GLY D 74 7.92 -21.74 -10.85
CA GLY D 74 7.44 -20.62 -10.05
C GLY D 74 7.20 -19.35 -10.84
N HIS D 75 7.85 -19.21 -12.00
CA HIS D 75 7.60 -18.05 -12.85
C HIS D 75 6.27 -18.14 -13.58
N LYS D 76 5.70 -19.35 -13.69
CA LYS D 76 4.42 -19.50 -14.37
C LYS D 76 3.29 -19.91 -13.44
N ASN D 77 3.52 -19.96 -12.13
CA ASN D 77 2.52 -20.39 -11.15
C ASN D 77 1.90 -21.72 -11.54
N THR D 78 2.73 -22.64 -12.06
CA THR D 78 2.25 -23.89 -12.60
C THR D 78 3.00 -25.08 -12.03
N VAL D 79 2.25 -26.13 -11.72
CA VAL D 79 2.79 -27.44 -11.36
C VAL D 79 2.46 -28.40 -12.48
N TYR D 80 3.42 -29.26 -12.82
CA TYR D 80 3.30 -30.17 -13.93
C TYR D 80 3.30 -31.61 -13.42
N LEU D 81 2.74 -32.50 -14.24
CA LEU D 81 2.83 -33.94 -13.97
C LEU D 81 3.14 -34.57 -15.32
N GLN D 82 4.43 -34.85 -15.57
CA GLN D 82 4.99 -35.63 -16.67
C GLN D 82 4.48 -37.07 -16.53
N MET D 83 3.45 -37.54 -17.23
CA MET D 83 2.98 -38.91 -17.13
C MET D 83 3.54 -39.74 -18.27
N ASN D 84 4.15 -40.87 -17.94
CA ASN D 84 4.70 -41.78 -18.95
C ASN D 84 4.26 -43.19 -18.62
N ASP D 90 -5.45 -46.10 -13.95
CA ASP D 90 -5.13 -44.67 -13.97
C ASP D 90 -6.37 -43.86 -14.35
N THR D 91 -7.34 -44.53 -14.93
CA THR D 91 -8.53 -43.83 -15.42
C THR D 91 -9.28 -43.21 -14.25
N ALA D 92 -9.30 -41.87 -14.22
CA ALA D 92 -9.98 -41.12 -13.18
C ALA D 92 -9.94 -39.65 -13.57
N VAL D 93 -10.66 -38.83 -12.81
CA VAL D 93 -10.47 -37.38 -12.83
C VAL D 93 -9.27 -37.06 -11.93
N TYR D 94 -8.28 -36.36 -12.49
CA TYR D 94 -7.07 -35.99 -11.77
C TYR D 94 -7.20 -34.54 -11.32
N LEU D 95 -7.03 -34.30 -10.02
CA LEU D 95 -7.26 -33.02 -9.36
C LEU D 95 -5.97 -32.38 -8.86
N CYS D 96 -5.95 -31.05 -8.91
CA CYS D 96 -4.83 -30.26 -8.39
C CYS D 96 -5.24 -29.72 -7.03
N ALA D 97 -4.27 -29.63 -6.11
CA ALA D 97 -4.54 -29.15 -4.76
C ALA D 97 -3.33 -28.40 -4.22
N ALA D 98 -3.59 -27.37 -3.41
CA ALA D 98 -2.55 -26.56 -2.79
C ALA D 98 -2.68 -26.59 -1.28
N ASP D 99 -1.53 -26.68 -0.61
CA ASP D 99 -1.44 -26.77 0.86
C ASP D 99 -0.43 -25.75 1.37
N LEU D 100 -0.91 -24.79 2.15
CA LEU D 100 -0.07 -23.69 2.63
C LEU D 100 1.16 -24.23 3.39
N LEU D 101 2.35 -23.86 2.92
CA LEU D 101 3.62 -24.19 3.57
C LEU D 101 3.71 -25.70 3.82
N GLY D 102 3.17 -26.48 2.91
CA GLY D 102 3.05 -27.90 3.12
C GLY D 102 4.29 -28.67 2.72
N SER D 103 4.30 -29.93 3.11
CA SER D 103 5.38 -30.88 2.91
C SER D 103 5.42 -31.46 1.51
N GLY D 104 4.26 -31.48 0.86
CA GLY D 104 4.14 -32.10 -0.45
C GLY D 104 3.58 -33.51 -0.41
N LYS D 105 3.10 -33.94 0.75
CA LYS D 105 2.54 -35.28 0.87
C LYS D 105 1.03 -35.21 1.03
N ASP D 106 0.44 -36.23 1.64
CA ASP D 106 -1.00 -36.29 1.82
C ASP D 106 -1.39 -37.13 3.03
N GLY D 107 -0.46 -37.27 3.97
CA GLY D 107 -0.70 -38.05 5.18
C GLY D 107 -1.68 -37.35 6.10
N THR D 108 -1.20 -36.29 6.75
CA THR D 108 -1.87 -35.47 7.75
C THR D 108 -2.19 -34.08 7.19
N SER D 109 -2.03 -33.87 5.89
CA SER D 109 -2.15 -32.49 5.44
C SER D 109 -3.58 -32.17 5.01
N VAL D 110 -3.83 -30.88 4.85
CA VAL D 110 -5.17 -30.36 4.57
C VAL D 110 -5.09 -29.37 3.42
N TYR D 111 -5.48 -29.75 2.24
CA TYR D 111 -5.37 -28.87 1.14
C TYR D 111 -6.36 -27.74 1.18
N GLU D 112 -5.88 -26.50 1.16
CA GLU D 112 -6.78 -25.36 1.23
C GLU D 112 -7.47 -25.04 -0.09
N TYR D 113 -6.90 -25.41 -1.23
CA TYR D 113 -7.48 -25.10 -2.53
C TYR D 113 -7.43 -26.33 -3.39
N TRP D 114 -8.47 -26.50 -4.21
CA TRP D 114 -8.69 -27.65 -5.08
C TRP D 114 -9.06 -27.17 -6.47
N GLY D 115 -8.54 -27.84 -7.49
CA GLY D 115 -9.02 -27.65 -8.85
C GLY D 115 -10.30 -28.41 -9.11
N GLN D 116 -10.74 -28.34 -10.37
CA GLN D 116 -11.92 -29.00 -10.89
C GLN D 116 -11.63 -30.40 -11.40
N GLY D 117 -10.40 -30.62 -11.85
CA GLY D 117 -9.96 -31.91 -12.33
C GLY D 117 -9.94 -31.97 -13.85
N THR D 118 -9.09 -32.83 -14.39
CA THR D 118 -9.02 -33.11 -15.82
C THR D 118 -9.20 -34.62 -15.97
N GLN D 119 -10.20 -35.03 -16.74
CA GLN D 119 -10.44 -36.44 -16.96
C GLN D 119 -9.38 -37.03 -17.88
C1 NAG E . -6.44 -16.66 15.21
C2 NAG E . -6.52 -15.16 15.31
C3 NAG E . -5.75 -14.70 16.56
C4 NAG E . -6.30 -15.41 17.81
C5 NAG E . -6.18 -16.91 17.59
C6 NAG E . -6.69 -17.71 18.80
C7 NAG E . -6.61 -13.78 13.33
C8 NAG E . -5.95 -13.39 12.05
N2 NAG E . -5.92 -14.63 14.12
O3 NAG E . -5.85 -13.28 16.72
O4 NAG E . -5.52 -15.05 18.97
O5 NAG E . -6.94 -17.26 16.42
O6 NAG E . -8.07 -17.40 19.05
O7 NAG E . -7.71 -13.34 13.66
C1 NAG E . -6.30 -14.60 20.06
C2 NAG E . -5.50 -14.72 21.36
C3 NAG E . -6.33 -14.22 22.50
C4 NAG E . -6.73 -12.80 22.20
C5 NAG E . -7.41 -12.66 20.85
C6 NAG E . -7.61 -11.21 20.51
C7 NAG E . -3.73 -16.40 21.59
C8 NAG E . -3.40 -17.83 21.87
N2 NAG E . -5.04 -16.08 21.58
O3 NAG E . -5.52 -14.20 23.69
O4 NAG E . -7.53 -12.26 23.26
O5 NAG E . -6.58 -13.25 19.84
O6 NAG E . -8.39 -11.11 19.31
O7 NAG E . -2.85 -15.57 21.37
C1 BMA E . -8.84 -12.82 23.34
C2 BMA E . -9.21 -12.85 24.79
C3 BMA E . -10.71 -13.16 24.99
C4 BMA E . -11.56 -12.30 24.09
C5 BMA E . -11.08 -12.39 22.65
C6 BMA E . -11.91 -11.50 21.74
O2 BMA E . -8.93 -11.57 25.38
O3 BMA E . -11.08 -12.90 26.35
O4 BMA E . -12.92 -12.74 24.16
O5 BMA E . -9.71 -11.99 22.60
O6 BMA E . -11.74 -10.13 22.16
C1 MAN E . -11.22 -14.16 27.02
C2 MAN E . -12.08 -13.88 28.25
C3 MAN E . -11.35 -12.97 29.21
C4 MAN E . -9.95 -13.50 29.52
C5 MAN E . -9.20 -13.78 28.22
C6 MAN E . -7.81 -14.37 28.51
O2 MAN E . -12.38 -15.12 28.90
O3 MAN E . -12.10 -12.85 30.43
O4 MAN E . -9.21 -12.54 30.28
O5 MAN E . -9.96 -14.70 27.43
O6 MAN E . -7.96 -15.79 28.77
C1 NAG F . 20.21 -4.35 8.95
C2 NAG F . 19.69 -5.02 7.74
C3 NAG F . 19.78 -6.55 7.90
C4 NAG F . 21.25 -6.95 8.23
C5 NAG F . 21.67 -6.19 9.48
C6 NAG F . 23.09 -6.52 9.93
C7 NAG F . 17.89 -4.05 6.39
C8 NAG F . 16.44 -3.60 6.34
N2 NAG F . 18.29 -4.63 7.54
O3 NAG F . 19.31 -7.21 6.73
O4 NAG F . 21.28 -8.36 8.49
O5 NAG F . 21.58 -4.80 9.20
O6 NAG F . 23.99 -6.16 8.89
O7 NAG F . 18.65 -3.95 5.41
C1 NAG F . 22.41 -8.95 7.83
C2 NAG F . 22.79 -10.29 8.43
C3 NAG F . 24.02 -10.83 7.71
C4 NAG F . 23.87 -10.78 6.18
C5 NAG F . 23.18 -9.48 5.70
C6 NAG F . 22.74 -9.61 4.26
C7 NAG F . 22.31 -10.56 10.84
C8 NAG F . 22.82 -10.30 12.25
N2 NAG F . 23.10 -10.15 9.87
O3 NAG F . 24.23 -12.17 8.15
O4 NAG F . 25.18 -10.84 5.55
O5 NAG F . 22.03 -9.20 6.50
O6 NAG F . 21.69 -10.59 4.20
O7 NAG F . 21.25 -11.14 10.68
C1 BMA F . 25.69 -12.14 5.21
C2 BMA F . 25.29 -12.38 3.78
C3 BMA F . 25.86 -13.69 3.26
C4 BMA F . 27.36 -13.67 3.48
C5 BMA F . 27.65 -13.42 4.96
C6 BMA F . 29.14 -13.43 5.27
O2 BMA F . 25.79 -11.29 2.97
O3 BMA F . 25.57 -13.81 1.85
O4 BMA F . 27.89 -14.93 3.08
O5 BMA F . 27.09 -12.16 5.35
O6 BMA F . 29.73 -12.23 4.74
C1 MAN F . 25.00 -15.10 1.49
C2 MAN F . 24.89 -15.16 -0.03
C3 MAN F . 23.83 -14.19 -0.54
C4 MAN F . 22.52 -14.33 0.23
C5 MAN F . 22.77 -14.32 1.74
C6 MAN F . 21.47 -14.58 2.50
O2 MAN F . 24.54 -16.50 -0.43
O3 MAN F . 23.58 -14.44 -1.94
O4 MAN F . 21.63 -13.26 -0.11
O5 MAN F . 23.71 -15.34 2.08
O6 MAN F . 21.67 -14.35 3.90
C1 CIT G . 3.20 1.44 28.47
O1 CIT G . 2.03 1.55 28.09
O2 CIT G . 4.08 2.35 28.34
C2 CIT G . 3.64 0.15 29.13
C3 CIT G . 5.03 0.20 29.77
O7 CIT G . 5.03 1.18 30.80
C4 CIT G . 5.36 -1.16 30.38
C5 CIT G . 6.83 -1.39 30.70
O3 CIT G . 7.36 -2.44 30.28
O4 CIT G . 7.44 -0.50 31.36
C6 CIT G . 6.08 0.56 28.68
O5 CIT G . 6.08 -0.14 27.64
O6 CIT G . 6.83 1.54 28.90
H21 CIT G . 3.63 -0.57 28.46
H22 CIT G . 2.98 -0.07 29.82
HO7 CIT G . 5.80 1.21 31.16
H41 CIT G . 5.07 -1.87 29.76
H42 CIT G . 4.85 -1.28 31.21
C1 CIT H . 12.17 -13.93 16.74
C1 CIT H . 10.46 -13.28 16.75
O1 CIT H . 11.99 -14.87 17.56
O1 CIT H . 10.91 -13.95 17.75
O2 CIT H . 13.20 -13.77 16.10
O2 CIT H . 11.14 -12.44 16.02
C2 CIT H . 11.07 -12.93 16.47
C2 CIT H . 8.97 -13.47 16.48
C3 CIT H . 10.40 -12.35 17.71
C3 CIT H . 8.27 -14.83 16.71
O7 CIT H . 9.38 -11.45 17.34
O7 CIT H . 6.94 -14.75 16.28
C4 CIT H . 9.78 -13.56 18.42
C4 CIT H . 8.98 -15.96 15.98
C5 CIT H . 9.18 -14.65 17.53
C5 CIT H . 8.46 -17.38 16.20
O3 CIT H . 8.17 -14.44 16.80
O3 CIT H . 7.57 -17.65 17.09
O4 CIT H . 9.75 -15.71 17.54
O4 CIT H . 8.97 -18.22 15.43
C6 CIT H . 11.48 -11.63 18.60
C6 CIT H . 8.16 -15.17 18.23
O5 CIT H . 11.03 -10.91 19.49
O5 CIT H . 7.01 -15.24 18.70
O6 CIT H . 12.75 -11.77 18.35
O6 CIT H . 9.19 -15.37 18.83
H21 CIT H . 10.39 -13.36 15.92
H21 CIT H . 8.82 -13.24 15.54
H22 CIT H . 11.44 -12.19 15.94
H22 CIT H . 8.50 -12.81 17.02
HO7 CIT H . 9.53 -10.69 17.70
HO7 CIT H . 6.54 -14.15 16.71
H41 CIT H . 9.08 -13.24 19.03
H41 CIT H . 9.93 -15.95 16.23
H42 CIT H . 10.48 -13.97 18.99
H42 CIT H . 8.93 -15.78 15.01
NA NA I . 15.70 6.64 18.33
NA NA J . -3.00 -26.98 4.92
C1 CIT K . 14.00 -27.23 1.79
O1 CIT K . 12.93 -27.84 1.60
O2 CIT K . 14.52 -26.45 0.97
C2 CIT K . 14.71 -27.43 3.12
C3 CIT K . 14.12 -28.55 4.00
O7 CIT K . 14.33 -29.80 3.38
C4 CIT K . 14.84 -28.50 5.35
C5 CIT K . 14.19 -29.28 6.48
O3 CIT K . 13.72 -30.41 6.22
O4 CIT K . 14.16 -28.74 7.61
C6 CIT K . 12.60 -28.28 4.21
O5 CIT K . 11.82 -29.18 3.83
O6 CIT K . 12.27 -27.19 4.71
H21 CIT K . 14.69 -26.59 3.61
H22 CIT K . 15.65 -27.65 2.94
HO7 CIT K . 13.96 -30.40 3.86
H41 CIT K . 14.90 -27.55 5.63
H42 CIT K . 15.75 -28.83 5.24
#